data_8AVM
#
_entry.id   8AVM
#
_cell.length_a   79.430
_cell.length_b   117.110
_cell.length_c   139.330
_cell.angle_alpha   90.000
_cell.angle_beta   90.000
_cell.angle_gamma   90.000
#
_symmetry.space_group_name_H-M   'P 21 21 21'
#
loop_
_entity.id
_entity.type
_entity.pdbx_description
1 polymer 'Superoxide dismutase [Fe]'
2 non-polymer 'FE (III) ION'
3 water water
#
_entity_poly.entity_id   1
_entity_poly.type   'polypeptide(L)'
_entity_poly.pdbx_seq_one_letter_code
;MYEMPKLPYANNALEPVISQQTIDYHYGKHLQTYVNNLNSLVPGTEYEGKTVEAIVASAPDGAIFNNAGQVLNHTLYFLQ
FAPKPAKNEPAGKLGEAIKRDFGSFENFKKEFNAASVGLFGSGWAWLSVDKDGKLHITKEPNGSNPVRAGLKPLLTCDVW
EHAYYLDYQNRRADHVNKLWEIIDWDVVEKRL
;
_entity_poly.pdbx_strand_id   A,B,C,D,E,F
#
# COMPACT_ATOMS: atom_id res chain seq x y z
N MET A 1 -5.02 26.62 26.03
CA MET A 1 -5.63 27.66 25.15
C MET A 1 -4.51 28.39 24.40
N TYR A 2 -4.61 28.41 23.07
CA TYR A 2 -3.45 28.80 22.27
C TYR A 2 -3.62 30.28 22.01
N GLU A 3 -2.55 31.04 22.12
CA GLU A 3 -2.57 32.49 21.98
C GLU A 3 -1.73 32.91 20.77
N MET A 4 -2.08 34.04 20.16
CA MET A 4 -1.27 34.61 19.09
C MET A 4 0.05 35.05 19.73
N PRO A 5 1.20 34.73 19.13
CA PRO A 5 2.46 35.29 19.59
C PRO A 5 2.54 36.78 19.25
N LYS A 6 3.22 37.52 20.12
CA LYS A 6 3.36 38.95 19.96
C LYS A 6 4.49 39.21 18.98
N LEU A 7 4.25 40.07 17.98
CA LEU A 7 5.31 40.45 17.05
C LEU A 7 6.27 41.37 17.78
N PRO A 8 7.59 41.16 17.64
CA PRO A 8 8.55 42.04 18.29
C PRO A 8 8.87 43.29 17.45
N TYR A 9 8.01 43.66 16.50
CA TYR A 9 8.22 44.83 15.66
C TYR A 9 6.82 45.20 15.17
N ALA A 10 6.67 46.44 14.70
CA ALA A 10 5.44 46.89 14.11
C ALA A 10 5.20 46.19 12.76
N ASN A 11 3.94 46.14 12.33
CA ASN A 11 3.50 45.46 11.14
C ASN A 11 4.22 45.97 9.89
N ASN A 12 4.61 47.27 9.87
CA ASN A 12 5.20 47.87 8.69
C ASN A 12 6.72 47.91 8.79
N ALA A 13 7.28 47.30 9.83
CA ALA A 13 8.67 47.56 10.19
C ALA A 13 9.65 46.80 9.30
N LEU A 14 9.18 45.78 8.55
CA LEU A 14 10.10 44.97 7.74
C LEU A 14 10.16 45.46 6.29
N GLU A 15 9.44 46.56 5.96
CA GLU A 15 9.50 47.10 4.62
C GLU A 15 10.92 47.51 4.27
N PRO A 16 11.37 47.35 3.02
CA PRO A 16 10.52 46.81 1.93
C PRO A 16 10.65 45.30 1.72
N VAL A 17 11.30 44.58 2.67
CA VAL A 17 11.54 43.16 2.50
C VAL A 17 10.23 42.40 2.57
N ILE A 18 9.42 42.73 3.59
CA ILE A 18 8.05 42.26 3.66
C ILE A 18 7.17 43.47 3.97
N SER A 19 6.09 43.62 3.20
CA SER A 19 5.23 44.79 3.31
C SER A 19 4.35 44.67 4.55
N GLN A 20 3.84 45.81 4.97
CA GLN A 20 2.81 45.86 5.98
C GLN A 20 1.62 45.00 5.57
N GLN A 21 1.19 45.12 4.30
CA GLN A 21 0.06 44.36 3.83
C GLN A 21 0.33 42.85 4.04
N THR A 22 1.53 42.40 3.69
CA THR A 22 1.83 40.97 3.86
C THR A 22 1.73 40.59 5.33
N ILE A 23 2.28 41.41 6.22
CA ILE A 23 2.23 41.04 7.62
C ILE A 23 0.77 41.06 8.08
N ASP A 24 0.00 42.11 7.70
CA ASP A 24 -1.40 42.17 8.09
C ASP A 24 -2.13 40.86 7.71
N TYR A 25 -1.90 40.33 6.49
CA TYR A 25 -2.56 39.09 6.08
C TYR A 25 -1.85 37.86 6.68
N HIS A 26 -0.55 37.79 6.58
CA HIS A 26 0.22 36.59 6.93
C HIS A 26 0.05 36.31 8.43
N TYR A 27 0.29 37.33 9.25
CA TYR A 27 0.15 37.20 10.69
C TYR A 27 -1.31 37.39 11.10
N GLY A 28 -1.92 38.48 10.63
CA GLY A 28 -3.21 38.87 11.14
C GLY A 28 -4.37 38.00 10.65
N LYS A 29 -4.21 37.26 9.54
CA LYS A 29 -5.27 36.39 9.05
C LYS A 29 -4.84 34.92 9.06
N HIS A 30 -3.77 34.58 8.34
CA HIS A 30 -3.35 33.18 8.22
C HIS A 30 -3.00 32.61 9.59
N LEU A 31 -2.14 33.30 10.35
CA LEU A 31 -1.70 32.72 11.62
C LEU A 31 -2.88 32.69 12.58
N GLN A 32 -3.69 33.76 12.54
CA GLN A 32 -4.89 33.87 13.39
C GLN A 32 -5.77 32.65 13.12
N THR A 33 -5.97 32.28 11.86
CA THR A 33 -6.83 31.13 11.53
C THR A 33 -6.21 29.85 12.09
N TYR A 34 -4.90 29.69 11.97
CA TYR A 34 -4.29 28.46 12.46
C TYR A 34 -4.49 28.34 13.97
N VAL A 35 -4.32 29.46 14.68
CA VAL A 35 -4.49 29.47 16.13
C VAL A 35 -5.97 29.18 16.48
N ASN A 36 -6.88 29.91 15.84
CA ASN A 36 -8.31 29.67 15.99
C ASN A 36 -8.63 28.19 15.74
N ASN A 37 -8.07 27.59 14.70
CA ASN A 37 -8.33 26.18 14.42
C ASN A 37 -7.83 25.30 15.55
N LEU A 38 -6.68 25.60 16.14
CA LEU A 38 -6.20 24.81 17.26
C LEU A 38 -7.18 24.93 18.45
N ASN A 39 -7.67 26.13 18.71
CA ASN A 39 -8.62 26.34 19.80
C ASN A 39 -9.97 25.67 19.52
N SER A 40 -10.31 25.46 18.23
CA SER A 40 -11.53 24.77 17.87
C SER A 40 -11.35 23.26 17.96
N LEU A 41 -10.19 22.75 17.61
CA LEU A 41 -10.06 21.33 17.33
C LEU A 41 -9.51 20.56 18.51
N VAL A 42 -8.67 21.18 19.33
CA VAL A 42 -7.87 20.43 20.31
C VAL A 42 -8.68 20.14 21.58
N PRO A 43 -9.43 21.11 22.16
CA PRO A 43 -10.12 20.83 23.43
C PRO A 43 -11.06 19.65 23.26
N GLY A 44 -11.07 18.72 24.21
CA GLY A 44 -11.88 17.53 24.09
C GLY A 44 -11.17 16.35 23.43
N THR A 45 -9.90 16.52 23.05
CA THR A 45 -9.12 15.42 22.50
C THR A 45 -7.99 15.05 23.45
N GLU A 46 -7.22 14.02 23.08
CA GLU A 46 -6.04 13.62 23.82
C GLU A 46 -4.98 14.74 23.82
N TYR A 47 -5.10 15.74 22.94
CA TYR A 47 -4.09 16.77 22.83
C TYR A 47 -4.38 17.92 23.77
N GLU A 48 -5.52 17.88 24.47
CA GLU A 48 -5.93 19.00 25.30
C GLU A 48 -4.85 19.24 26.36
N GLY A 49 -4.52 20.53 26.55
CA GLY A 49 -3.51 20.91 27.54
C GLY A 49 -2.08 20.77 27.05
N LYS A 50 -1.81 20.20 25.86
CA LYS A 50 -0.44 20.06 25.38
C LYS A 50 0.02 21.34 24.67
N THR A 51 1.35 21.56 24.67
CA THR A 51 1.94 22.65 23.93
C THR A 51 1.86 22.37 22.43
N VAL A 52 1.98 23.45 21.66
CA VAL A 52 2.08 23.33 20.22
C VAL A 52 3.18 22.35 19.83
N GLU A 53 4.36 22.55 20.42
CA GLU A 53 5.54 21.72 20.13
C GLU A 53 5.19 20.24 20.34
N ALA A 54 4.52 19.94 21.46
CA ALA A 54 4.26 18.54 21.81
C ALA A 54 3.27 17.95 20.81
N ILE A 55 2.32 18.77 20.33
CA ILE A 55 1.37 18.29 19.34
C ILE A 55 2.12 17.97 18.06
N VAL A 56 2.98 18.88 17.61
CA VAL A 56 3.73 18.64 16.40
C VAL A 56 4.57 17.36 16.52
N ALA A 57 5.15 17.14 17.72
CA ALA A 57 5.97 15.96 17.93
C ALA A 57 5.15 14.66 17.96
N SER A 58 3.86 14.73 18.29
CA SER A 58 3.10 13.50 18.56
C SER A 58 1.99 13.23 17.53
N ALA A 59 1.35 14.26 16.97
CA ALA A 59 0.13 14.02 16.22
C ALA A 59 0.44 13.41 14.86
N PRO A 60 -0.44 12.50 14.41
CA PRO A 60 -0.34 11.98 13.04
C PRO A 60 -0.87 13.02 12.06
N ASP A 61 -0.74 12.70 10.76
CA ASP A 61 -1.20 13.54 9.69
C ASP A 61 -2.67 13.81 9.91
N GLY A 62 -3.08 15.04 9.63
CA GLY A 62 -4.45 15.44 9.85
C GLY A 62 -4.47 16.90 10.27
N ALA A 63 -5.68 17.36 10.61
CA ALA A 63 -5.99 18.76 10.72
C ALA A 63 -5.33 19.34 11.98
N ILE A 64 -5.30 18.58 13.05
CA ILE A 64 -4.66 19.05 14.26
C ILE A 64 -3.17 19.26 13.99
N PHE A 65 -2.52 18.25 13.40
CA PHE A 65 -1.13 18.37 13.06
C PHE A 65 -0.89 19.57 12.13
N ASN A 66 -1.72 19.70 11.10
CA ASN A 66 -1.57 20.75 10.11
C ASN A 66 -1.56 22.10 10.79
N ASN A 67 -2.50 22.28 11.70
CA ASN A 67 -2.66 23.57 12.35
C ASN A 67 -1.53 23.82 13.35
N ALA A 68 -1.20 22.80 14.14
CA ALA A 68 -0.13 22.94 15.11
C ALA A 68 1.20 23.24 14.41
N GLY A 69 1.49 22.45 13.36
CA GLY A 69 2.71 22.67 12.63
C GLY A 69 2.79 24.13 12.11
N GLN A 70 1.67 24.64 11.61
CA GLN A 70 1.66 25.97 11.04
C GLN A 70 1.78 27.02 12.15
N VAL A 71 1.21 26.73 13.33
CA VAL A 71 1.35 27.68 14.42
C VAL A 71 2.80 27.76 14.84
N LEU A 72 3.41 26.60 14.99
CA LEU A 72 4.81 26.58 15.39
C LEU A 72 5.71 27.25 14.32
N ASN A 73 5.53 26.84 13.07
CA ASN A 73 6.31 27.39 11.96
C ASN A 73 6.22 28.93 11.98
N HIS A 74 4.99 29.47 12.04
CA HIS A 74 4.83 30.91 11.88
C HIS A 74 5.32 31.64 13.11
N THR A 75 5.20 31.00 14.28
CA THR A 75 5.66 31.64 15.50
C THR A 75 7.16 31.88 15.40
N LEU A 76 7.91 30.83 15.07
CA LEU A 76 9.36 30.91 14.95
C LEU A 76 9.77 31.86 13.83
N TYR A 77 9.04 31.78 12.70
CA TYR A 77 9.24 32.63 11.56
C TYR A 77 9.17 34.10 11.94
N PHE A 78 8.04 34.54 12.45
CA PHE A 78 7.87 35.96 12.65
C PHE A 78 8.83 36.46 13.71
N LEU A 79 9.08 35.63 14.74
CA LEU A 79 9.87 36.09 15.87
C LEU A 79 11.36 35.99 15.55
N GLN A 80 11.78 35.46 14.41
CA GLN A 80 13.20 35.40 14.07
C GLN A 80 13.66 36.66 13.33
N PHE A 81 12.74 37.59 13.03
CA PHE A 81 13.08 38.76 12.24
C PHE A 81 13.24 40.00 13.12
N ALA A 82 14.02 40.96 12.66
CA ALA A 82 14.08 42.29 13.25
C ALA A 82 14.33 43.28 12.10
N PRO A 83 13.81 44.49 12.19
CA PRO A 83 14.08 45.51 11.16
C PRO A 83 15.57 45.80 10.95
N LYS A 84 16.36 45.82 12.03
CA LYS A 84 17.77 46.16 11.98
C LYS A 84 18.54 45.20 12.89
N PRO A 85 18.81 43.96 12.43
CA PRO A 85 19.51 43.00 13.28
C PRO A 85 20.86 43.59 13.68
N ALA A 86 21.30 43.23 14.88
CA ALA A 86 22.62 43.57 15.42
C ALA A 86 23.76 43.09 14.52
N LYS A 87 23.66 41.89 13.95
CA LYS A 87 24.69 41.29 13.12
C LYS A 87 24.02 40.82 11.82
N ASN A 88 24.82 40.66 10.75
CA ASN A 88 24.32 40.12 9.49
C ASN A 88 24.61 38.62 9.36
N GLU A 89 25.23 38.03 10.37
CA GLU A 89 25.57 36.64 10.34
C GLU A 89 25.72 36.17 11.78
N PRO A 90 25.59 34.85 12.03
CA PRO A 90 25.63 34.34 13.39
C PRO A 90 27.05 34.29 13.92
N ALA A 91 27.17 34.43 15.24
CA ALA A 91 28.45 34.29 15.92
C ALA A 91 28.35 33.16 16.94
N GLY A 92 29.34 33.10 17.84
CA GLY A 92 29.35 32.13 18.91
C GLY A 92 29.27 30.71 18.36
N LYS A 93 28.61 29.84 19.14
CA LYS A 93 28.51 28.42 18.85
C LYS A 93 27.86 28.19 17.48
N LEU A 94 26.79 28.97 17.19
CA LEU A 94 26.07 28.76 15.94
C LEU A 94 26.98 29.10 14.76
N GLY A 95 27.68 30.23 14.86
CA GLY A 95 28.67 30.60 13.87
C GLY A 95 29.67 29.49 13.55
N GLU A 96 30.18 28.88 14.61
CA GLU A 96 31.19 27.82 14.44
C GLU A 96 30.52 26.56 13.87
N ALA A 97 29.33 26.21 14.35
CA ALA A 97 28.66 25.02 13.84
C ALA A 97 28.39 25.16 12.34
N ILE A 98 28.04 26.38 11.90
CA ILE A 98 27.77 26.60 10.48
C ILE A 98 29.04 26.43 9.66
N LYS A 99 30.17 26.92 10.17
CA LYS A 99 31.44 26.76 9.48
C LYS A 99 31.77 25.27 9.41
N ARG A 100 31.57 24.55 10.52
CA ARG A 100 31.85 23.13 10.60
C ARG A 100 31.00 22.36 9.59
N ASP A 101 29.70 22.65 9.52
CA ASP A 101 28.77 21.76 8.82
C ASP A 101 28.56 22.19 7.38
N PHE A 102 28.87 23.45 7.03
CA PHE A 102 28.63 23.95 5.70
C PHE A 102 29.87 24.55 5.05
N GLY A 103 31.02 24.45 5.73
CA GLY A 103 32.24 25.07 5.22
C GLY A 103 32.32 26.55 5.57
N SER A 104 31.26 27.33 5.29
CA SER A 104 31.22 28.74 5.63
C SER A 104 29.77 29.22 5.68
N PHE A 105 29.58 30.40 6.28
CA PHE A 105 28.30 31.07 6.25
C PHE A 105 27.81 31.26 4.81
N GLU A 106 28.71 31.67 3.89
CA GLU A 106 28.32 31.99 2.52
C GLU A 106 27.80 30.74 1.83
N ASN A 107 28.46 29.60 2.08
CA ASN A 107 28.02 28.37 1.47
C ASN A 107 26.71 27.91 2.11
N PHE A 108 26.57 28.10 3.43
CA PHE A 108 25.31 27.81 4.09
C PHE A 108 24.19 28.61 3.41
N LYS A 109 24.38 29.91 3.19
CA LYS A 109 23.35 30.74 2.57
C LYS A 109 22.95 30.16 1.21
N LYS A 110 23.95 29.74 0.44
CA LYS A 110 23.71 29.22 -0.89
C LYS A 110 22.84 27.97 -0.82
N GLU A 111 23.14 27.07 0.13
CA GLU A 111 22.39 25.81 0.24
C GLU A 111 20.98 26.07 0.77
N PHE A 112 20.87 27.05 1.69
CA PHE A 112 19.60 27.43 2.26
C PHE A 112 18.69 28.03 1.19
N ASN A 113 19.25 28.93 0.38
CA ASN A 113 18.57 29.52 -0.76
C ASN A 113 18.09 28.45 -1.72
N ALA A 114 18.96 27.48 -2.02
CA ALA A 114 18.60 26.44 -2.98
C ALA A 114 17.46 25.58 -2.43
N ALA A 115 17.51 25.26 -1.15
CA ALA A 115 16.40 24.52 -0.55
C ALA A 115 15.10 25.33 -0.61
N SER A 116 15.21 26.63 -0.35
CA SER A 116 14.04 27.51 -0.33
C SER A 116 13.43 27.60 -1.73
N VAL A 117 14.29 27.84 -2.73
CA VAL A 117 13.80 28.08 -4.07
C VAL A 117 13.33 26.75 -4.67
N GLY A 118 13.97 25.64 -4.27
CA GLY A 118 13.72 24.36 -4.90
C GLY A 118 12.54 23.60 -4.30
N LEU A 119 11.93 24.10 -3.23
CA LEU A 119 10.83 23.37 -2.64
C LEU A 119 9.58 23.59 -3.49
N PHE A 120 9.05 22.51 -4.08
CA PHE A 120 7.93 22.63 -5.01
C PHE A 120 6.62 22.65 -4.25
N GLY A 121 5.75 23.65 -4.53
CA GLY A 121 4.51 23.75 -3.77
C GLY A 121 4.72 24.56 -2.47
N SER A 122 3.91 24.25 -1.46
CA SER A 122 3.86 24.92 -0.18
C SER A 122 4.78 24.19 0.80
N GLY A 123 5.48 24.94 1.62
CA GLY A 123 6.31 24.37 2.65
C GLY A 123 7.26 25.39 3.28
N TRP A 124 8.25 24.86 4.00
CA TRP A 124 9.22 25.60 4.78
C TRP A 124 10.62 25.03 4.55
N ALA A 125 11.59 25.88 4.22
CA ALA A 125 12.98 25.50 4.34
C ALA A 125 13.44 25.78 5.77
N TRP A 126 14.10 24.78 6.36
CA TRP A 126 14.48 24.79 7.76
C TRP A 126 15.96 24.48 7.93
N LEU A 127 16.60 25.30 8.74
CA LEU A 127 17.84 24.93 9.41
C LEU A 127 17.50 24.47 10.83
N SER A 128 18.02 23.30 11.19
CA SER A 128 17.75 22.65 12.46
C SER A 128 19.05 22.07 13.03
N VAL A 129 19.02 21.67 14.31
CA VAL A 129 20.13 20.98 14.93
C VAL A 129 19.60 19.66 15.49
N ASP A 130 20.37 18.58 15.28
CA ASP A 130 19.99 17.27 15.81
C ASP A 130 20.57 17.15 17.23
N LYS A 131 20.28 16.02 17.89
CA LYS A 131 20.67 15.84 19.28
C LYS A 131 22.19 15.70 19.47
N ASP A 132 22.95 15.45 18.42
CA ASP A 132 24.40 15.38 18.54
C ASP A 132 25.03 16.73 18.21
N GLY A 133 24.22 17.77 17.97
CA GLY A 133 24.76 19.11 17.74
C GLY A 133 25.07 19.38 16.28
N LYS A 134 24.66 18.48 15.38
CA LYS A 134 24.90 18.65 13.96
C LYS A 134 23.72 19.38 13.30
N LEU A 135 24.05 20.26 12.35
CA LEU A 135 23.06 21.08 11.67
C LEU A 135 22.55 20.41 10.41
N HIS A 136 21.27 20.65 10.08
CA HIS A 136 20.71 20.13 8.85
C HIS A 136 19.77 21.16 8.23
N ILE A 137 19.74 21.16 6.91
CA ILE A 137 18.74 21.87 6.13
C ILE A 137 17.73 20.85 5.65
N THR A 138 16.44 21.08 5.95
CA THR A 138 15.39 20.23 5.42
C THR A 138 14.36 21.09 4.68
N LYS A 139 13.64 20.45 3.78
CA LYS A 139 12.45 20.98 3.14
C LYS A 139 11.25 20.33 3.80
N GLU A 140 10.45 21.10 4.52
CA GLU A 140 9.28 20.59 5.18
C GLU A 140 8.06 20.92 4.32
N PRO A 141 7.33 19.92 3.79
CA PRO A 141 6.15 20.19 2.99
C PRO A 141 5.01 20.72 3.86
N ASN A 142 4.26 21.65 3.28
CA ASN A 142 2.99 22.09 3.84
C ASN A 142 3.20 22.61 5.25
N GLY A 143 2.58 21.95 6.24
CA GLY A 143 2.58 22.42 7.62
C GLY A 143 3.63 21.76 8.50
N SER A 144 4.40 20.87 7.90
CA SER A 144 5.40 20.12 8.63
C SER A 144 6.48 21.03 9.24
N ASN A 145 7.12 20.52 10.29
CA ASN A 145 8.11 21.23 11.07
C ASN A 145 9.13 20.19 11.56
N PRO A 146 10.43 20.53 11.67
CA PRO A 146 11.47 19.55 12.04
C PRO A 146 11.32 18.85 13.39
N VAL A 147 10.51 19.44 14.27
CA VAL A 147 10.22 18.86 15.58
C VAL A 147 9.62 17.45 15.43
N ARG A 148 8.82 17.22 14.39
CA ARG A 148 8.27 15.89 14.17
C ARG A 148 9.40 14.85 14.08
N ALA A 149 10.49 15.21 13.41
CA ALA A 149 11.61 14.30 13.21
C ALA A 149 12.61 14.35 14.38
N GLY A 150 12.27 15.03 15.47
CA GLY A 150 13.14 15.12 16.62
C GLY A 150 14.26 16.15 16.47
N LEU A 151 14.17 17.06 15.49
CA LEU A 151 15.18 18.09 15.33
C LEU A 151 14.72 19.37 16.02
N LYS A 152 15.70 20.21 16.40
CA LYS A 152 15.39 21.48 17.04
C LYS A 152 15.51 22.59 15.99
N PRO A 153 14.38 23.27 15.67
CA PRO A 153 14.36 24.20 14.54
C PRO A 153 14.98 25.54 14.89
N LEU A 154 15.85 26.04 14.00
CA LEU A 154 16.58 27.28 14.26
C LEU A 154 16.13 28.43 13.36
N LEU A 155 16.04 28.17 12.03
CA LEU A 155 15.78 29.25 11.08
C LEU A 155 14.94 28.73 9.93
N THR A 156 13.94 29.53 9.49
CA THR A 156 13.11 29.04 8.41
C THR A 156 12.78 30.15 7.40
N CYS A 157 12.49 29.72 6.19
CA CYS A 157 11.85 30.51 5.17
C CYS A 157 10.52 29.85 4.77
N ASP A 158 9.43 30.61 4.91
CA ASP A 158 8.11 30.18 4.54
C ASP A 158 7.97 30.38 3.04
N VAL A 159 7.80 29.29 2.29
CA VAL A 159 7.67 29.43 0.84
C VAL A 159 6.26 29.13 0.35
N TRP A 160 5.29 29.03 1.26
CA TRP A 160 3.91 29.21 0.88
C TRP A 160 3.82 30.54 0.13
N GLU A 161 3.05 30.54 -0.95
CA GLU A 161 3.01 31.76 -1.77
C GLU A 161 2.49 32.99 -1.01
N HIS A 162 1.55 32.78 -0.07
CA HIS A 162 1.02 33.88 0.72
C HIS A 162 2.13 34.67 1.41
N ALA A 163 3.31 34.05 1.58
CA ALA A 163 4.36 34.71 2.36
C ALA A 163 4.98 35.85 1.54
N TYR A 164 4.89 35.74 0.22
CA TYR A 164 5.59 36.66 -0.67
C TYR A 164 4.76 37.19 -1.84
N TYR A 165 3.60 36.62 -2.11
CA TYR A 165 2.97 36.90 -3.41
C TYR A 165 2.55 38.37 -3.53
N LEU A 166 2.09 39.00 -2.44
CA LEU A 166 1.63 40.37 -2.53
C LEU A 166 2.79 41.30 -2.84
N ASP A 167 4.02 40.91 -2.50
CA ASP A 167 5.16 41.79 -2.64
C ASP A 167 6.07 41.40 -3.82
N TYR A 168 6.11 40.11 -4.19
CA TYR A 168 7.07 39.62 -5.17
C TYR A 168 6.37 38.84 -6.29
N GLN A 169 5.05 38.61 -6.15
CA GLN A 169 4.33 37.72 -7.02
C GLN A 169 5.10 36.42 -7.19
N ASN A 170 5.32 36.01 -8.45
CA ASN A 170 5.97 34.73 -8.72
C ASN A 170 7.48 34.71 -8.39
N ARG A 171 8.08 35.84 -7.99
CA ARG A 171 9.54 35.90 -7.94
C ARG A 171 10.05 35.46 -6.55
N ARG A 172 9.86 34.18 -6.27
CA ARG A 172 10.24 33.62 -4.97
C ARG A 172 11.70 33.85 -4.64
N ALA A 173 12.58 33.65 -5.64
CA ALA A 173 14.02 33.76 -5.38
C ALA A 173 14.37 35.18 -4.87
N ASP A 174 13.70 36.19 -5.41
CA ASP A 174 14.00 37.56 -4.99
C ASP A 174 13.64 37.76 -3.54
N HIS A 175 12.49 37.18 -3.13
CA HIS A 175 12.02 37.28 -1.76
C HIS A 175 13.05 36.63 -0.83
N VAL A 176 13.43 35.39 -1.19
CA VAL A 176 14.39 34.64 -0.39
C VAL A 176 15.66 35.44 -0.17
N ASN A 177 16.21 36.02 -1.25
CA ASN A 177 17.44 36.78 -1.15
C ASN A 177 17.32 37.96 -0.19
N LYS A 178 16.16 38.62 -0.15
CA LYS A 178 15.97 39.81 0.70
C LYS A 178 15.85 39.47 2.20
N LEU A 179 15.37 38.27 2.52
CA LEU A 179 15.13 37.87 3.90
C LEU A 179 16.38 37.98 4.76
N TRP A 180 17.54 37.64 4.21
CA TRP A 180 18.79 37.63 4.96
C TRP A 180 19.02 38.94 5.70
N GLU A 181 18.52 40.06 5.14
CA GLU A 181 18.77 41.36 5.76
C GLU A 181 18.00 41.56 7.07
N ILE A 182 16.95 40.75 7.33
CA ILE A 182 16.12 40.96 8.49
C ILE A 182 16.17 39.77 9.46
N ILE A 183 17.08 38.83 9.26
CA ILE A 183 17.25 37.73 10.18
C ILE A 183 17.92 38.27 11.44
N ASP A 184 17.26 38.05 12.58
CA ASP A 184 17.77 38.46 13.88
C ASP A 184 18.58 37.29 14.43
N TRP A 185 19.87 37.30 14.12
CA TRP A 185 20.75 36.23 14.51
C TRP A 185 20.83 36.04 16.01
N ASP A 186 20.54 37.08 16.81
CA ASP A 186 20.56 36.93 18.27
C ASP A 186 19.46 35.96 18.67
N VAL A 187 18.31 36.03 17.99
CA VAL A 187 17.21 35.13 18.31
C VAL A 187 17.59 33.73 17.87
N VAL A 188 18.12 33.65 16.65
CA VAL A 188 18.38 32.35 16.08
C VAL A 188 19.43 31.63 16.90
N GLU A 189 20.47 32.35 17.33
CA GLU A 189 21.58 31.75 18.09
C GLU A 189 21.06 31.09 19.36
N LYS A 190 20.09 31.75 20.00
CA LYS A 190 19.59 31.29 21.27
C LYS A 190 18.70 30.06 21.10
N ARG A 191 18.33 29.72 19.88
CA ARG A 191 17.56 28.50 19.65
C ARG A 191 18.47 27.29 19.66
N LEU A 192 19.78 27.50 19.51
CA LEU A 192 20.70 26.38 19.39
C LEU A 192 20.65 25.56 20.69
N MET B 1 8.83 20.55 -29.14
CA MET B 1 8.93 21.71 -28.21
C MET B 1 7.51 22.09 -27.78
N TYR B 2 7.34 22.31 -26.47
CA TYR B 2 6.02 22.60 -25.94
C TYR B 2 5.77 24.10 -26.06
N GLU B 3 4.53 24.43 -26.44
CA GLU B 3 4.12 25.80 -26.75
C GLU B 3 3.09 26.25 -25.71
N MET B 4 3.02 27.54 -25.46
CA MET B 4 1.99 28.13 -24.63
C MET B 4 0.65 27.93 -25.31
N PRO B 5 -0.38 27.42 -24.62
CA PRO B 5 -1.71 27.36 -25.24
C PRO B 5 -2.28 28.78 -25.29
N LYS B 6 -3.12 28.99 -26.27
CA LYS B 6 -3.75 30.27 -26.49
C LYS B 6 -4.97 30.38 -25.59
N LEU B 7 -5.16 31.53 -24.93
CA LEU B 7 -6.37 31.76 -24.15
C LEU B 7 -7.51 32.04 -25.12
N PRO B 8 -8.68 31.43 -24.94
CA PRO B 8 -9.83 31.75 -25.80
C PRO B 8 -10.62 32.99 -25.37
N TYR B 9 -10.01 33.89 -24.59
CA TYR B 9 -10.67 35.11 -24.16
C TYR B 9 -9.55 36.09 -23.86
N ALA B 10 -9.89 37.38 -23.77
CA ALA B 10 -8.94 38.40 -23.39
C ALA B 10 -8.56 38.24 -21.91
N ASN B 11 -7.41 38.80 -21.53
CA ASN B 11 -6.84 38.67 -20.20
C ASN B 11 -7.78 39.22 -19.12
N ASN B 12 -8.59 40.23 -19.48
CA ASN B 12 -9.45 40.87 -18.50
C ASN B 12 -10.88 40.32 -18.58
N ALA B 13 -11.11 39.25 -19.36
CA ALA B 13 -12.46 38.86 -19.69
C ALA B 13 -13.13 38.08 -18.58
N LEU B 14 -12.37 37.59 -17.58
CA LEU B 14 -12.95 36.82 -16.49
C LEU B 14 -13.28 37.69 -15.28
N GLU B 15 -13.03 39.00 -15.35
CA GLU B 15 -13.41 39.91 -14.28
C GLU B 15 -14.92 39.89 -14.12
N PRO B 16 -15.47 39.99 -12.88
CA PRO B 16 -14.66 40.19 -11.68
C PRO B 16 -14.26 38.92 -10.93
N VAL B 17 -14.42 37.74 -11.55
CA VAL B 17 -14.13 36.48 -10.86
C VAL B 17 -12.62 36.33 -10.70
N ILE B 18 -11.89 36.54 -11.80
CA ILE B 18 -10.45 36.54 -11.81
C ILE B 18 -10.00 37.78 -12.53
N SER B 19 -9.11 38.54 -11.88
CA SER B 19 -8.64 39.79 -12.41
C SER B 19 -7.69 39.58 -13.59
N GLN B 20 -7.57 40.64 -14.38
CA GLN B 20 -6.57 40.72 -15.43
C GLN B 20 -5.17 40.51 -14.85
N GLN B 21 -4.90 41.16 -13.72
CA GLN B 21 -3.60 41.03 -13.07
C GLN B 21 -3.32 39.54 -12.78
N THR B 22 -4.30 38.83 -12.24
CA THR B 22 -4.11 37.42 -11.93
C THR B 22 -3.80 36.66 -13.21
N ILE B 23 -4.52 36.93 -14.30
CA ILE B 23 -4.25 36.22 -15.54
C ILE B 23 -2.85 36.57 -16.04
N ASP B 24 -2.48 37.85 -16.01
CA ASP B 24 -1.16 38.26 -16.43
C ASP B 24 -0.08 37.46 -15.70
N TYR B 25 -0.21 37.27 -14.39
CA TYR B 25 0.80 36.50 -13.65
C TYR B 25 0.58 34.99 -13.82
N HIS B 26 -0.66 34.54 -13.65
CA HIS B 26 -0.95 33.11 -13.59
C HIS B 26 -0.60 32.46 -14.94
N TYR B 27 -1.12 33.05 -16.02
CA TYR B 27 -0.88 32.54 -17.35
C TYR B 27 0.47 33.05 -17.86
N GLY B 28 0.66 34.39 -17.78
CA GLY B 28 1.78 35.00 -18.46
C GLY B 28 3.13 34.71 -17.80
N LYS B 29 3.15 34.38 -16.49
CA LYS B 29 4.42 34.11 -15.81
C LYS B 29 4.50 32.66 -15.34
N HIS B 30 3.56 32.22 -14.51
CA HIS B 30 3.62 30.86 -13.96
C HIS B 30 3.56 29.81 -15.04
N LEU B 31 2.58 29.89 -15.95
CA LEU B 31 2.46 28.84 -16.96
C LEU B 31 3.65 28.92 -17.90
N GLN B 32 4.07 30.15 -18.25
CA GLN B 32 5.24 30.34 -19.11
C GLN B 32 6.44 29.65 -18.50
N THR B 33 6.65 29.81 -17.17
CA THR B 33 7.79 29.18 -16.53
C THR B 33 7.67 27.67 -16.60
N TYR B 34 6.47 27.15 -16.35
CA TYR B 34 6.33 25.69 -16.39
C TYR B 34 6.64 25.15 -17.79
N VAL B 35 6.18 25.84 -18.83
CA VAL B 35 6.47 25.43 -20.20
C VAL B 35 7.97 25.52 -20.47
N ASN B 36 8.58 26.69 -20.17
CA ASN B 36 10.01 26.84 -20.29
C ASN B 36 10.76 25.73 -19.56
N ASN B 37 10.36 25.43 -18.31
CA ASN B 37 11.03 24.40 -17.53
C ASN B 37 10.93 23.05 -18.23
N LEU B 38 9.76 22.73 -18.79
CA LEU B 38 9.60 21.42 -19.43
C LEU B 38 10.49 21.36 -20.66
N ASN B 39 10.56 22.46 -21.44
CA ASN B 39 11.42 22.48 -22.61
C ASN B 39 12.89 22.38 -22.24
N SER B 40 13.28 22.85 -21.04
CA SER B 40 14.66 22.75 -20.57
C SER B 40 14.97 21.36 -20.06
N LEU B 41 14.02 20.70 -19.41
CA LEU B 41 14.27 19.42 -18.75
C LEU B 41 14.28 18.22 -19.71
N VAL B 42 13.55 18.33 -20.84
CA VAL B 42 13.31 17.14 -21.62
C VAL B 42 14.46 16.76 -22.56
N PRO B 43 15.18 17.70 -23.21
CA PRO B 43 16.10 17.34 -24.30
C PRO B 43 17.05 16.23 -23.87
N GLY B 44 17.15 15.19 -24.71
CA GLY B 44 18.09 14.11 -24.44
C GLY B 44 17.56 13.05 -23.47
N THR B 45 16.29 13.15 -23.06
CA THR B 45 15.75 12.18 -22.10
C THR B 45 14.72 11.34 -22.84
N GLU B 46 14.25 10.31 -22.16
CA GLU B 46 13.19 9.46 -22.69
C GLU B 46 11.91 10.26 -22.94
N TYR B 47 11.78 11.45 -22.31
CA TYR B 47 10.54 12.21 -22.42
C TYR B 47 10.55 13.10 -23.65
N GLU B 48 11.70 13.18 -24.33
CA GLU B 48 11.80 14.07 -25.49
C GLU B 48 10.85 13.54 -26.55
N GLY B 49 10.09 14.46 -27.19
CA GLY B 49 9.14 14.08 -28.22
C GLY B 49 7.82 13.51 -27.70
N LYS B 50 7.67 13.32 -26.39
CA LYS B 50 6.40 12.83 -25.84
C LYS B 50 5.45 14.00 -25.60
N THR B 51 4.15 13.71 -25.61
CA THR B 51 3.14 14.70 -25.27
C THR B 51 3.18 14.98 -23.77
N VAL B 52 2.64 16.15 -23.41
CA VAL B 52 2.50 16.49 -22.00
C VAL B 52 1.74 15.37 -21.28
N GLU B 53 0.63 14.95 -21.87
CA GLU B 53 -0.24 13.94 -21.26
C GLU B 53 0.58 12.69 -21.00
N ALA B 54 1.41 12.27 -21.97
CA ALA B 54 2.14 11.01 -21.85
C ALA B 54 3.20 11.13 -20.74
N ILE B 55 3.77 12.35 -20.59
CA ILE B 55 4.72 12.55 -19.50
C ILE B 55 4.01 12.44 -18.16
N VAL B 56 2.85 13.11 -18.06
CA VAL B 56 2.12 13.05 -16.80
C VAL B 56 1.74 11.63 -16.46
N ALA B 57 1.39 10.84 -17.49
CA ALA B 57 0.97 9.45 -17.28
C ALA B 57 2.14 8.57 -16.88
N SER B 58 3.38 8.93 -17.24
CA SER B 58 4.49 7.99 -17.10
C SER B 58 5.52 8.41 -16.06
N ALA B 59 5.77 9.70 -15.88
CA ALA B 59 6.95 10.09 -15.11
C ALA B 59 6.73 9.81 -13.63
N PRO B 60 7.78 9.41 -12.92
CA PRO B 60 7.72 9.36 -11.45
C PRO B 60 7.82 10.79 -10.88
N ASP B 61 7.68 10.89 -9.54
CA ASP B 61 7.80 12.17 -8.84
C ASP B 61 9.15 12.78 -9.17
N GLY B 62 9.15 14.08 -9.38
CA GLY B 62 10.35 14.75 -9.84
C GLY B 62 9.98 16.00 -10.61
N ALA B 63 11.01 16.67 -11.13
CA ALA B 63 10.85 18.00 -11.71
C ALA B 63 10.09 17.90 -13.02
N ILE B 64 10.36 16.85 -13.80
CA ILE B 64 9.68 16.67 -15.06
C ILE B 64 8.20 16.48 -14.81
N PHE B 65 7.86 15.58 -13.87
CA PHE B 65 6.46 15.36 -13.56
C PHE B 65 5.81 16.66 -13.06
N ASN B 66 6.50 17.36 -12.16
CA ASN B 66 5.98 18.58 -11.57
C ASN B 66 5.61 19.57 -12.68
N ASN B 67 6.50 19.73 -13.66
CA ASN B 67 6.32 20.75 -14.66
C ASN B 67 5.28 20.30 -15.68
N ALA B 68 5.36 19.03 -16.10
CA ALA B 68 4.39 18.53 -17.06
C ALA B 68 2.99 18.58 -16.47
N GLY B 69 2.87 18.12 -15.23
CA GLY B 69 1.58 18.17 -14.56
C GLY B 69 1.02 19.59 -14.52
N GLN B 70 1.87 20.56 -14.24
CA GLN B 70 1.44 21.94 -14.12
C GLN B 70 1.07 22.48 -15.49
N VAL B 71 1.79 22.05 -16.54
CA VAL B 71 1.43 22.51 -17.88
C VAL B 71 0.05 21.98 -18.24
N LEU B 72 -0.16 20.68 -17.99
CA LEU B 72 -1.44 20.06 -18.31
C LEU B 72 -2.56 20.71 -17.48
N ASN B 73 -2.36 20.78 -16.16
CA ASN B 73 -3.33 21.36 -15.25
C ASN B 73 -3.74 22.76 -15.75
N HIS B 74 -2.77 23.64 -16.03
CA HIS B 74 -3.08 25.02 -16.34
C HIS B 74 -3.73 25.12 -17.72
N THR B 75 -3.31 24.23 -18.62
CA THR B 75 -3.88 24.26 -19.97
C THR B 75 -5.39 24.02 -19.88
N LEU B 76 -5.77 22.91 -19.20
CA LEU B 76 -7.18 22.56 -19.06
C LEU B 76 -7.94 23.61 -18.26
N TYR B 77 -7.29 24.12 -17.21
CA TYR B 77 -7.84 25.16 -16.37
C TYR B 77 -8.24 26.38 -17.18
N PHE B 78 -7.28 26.99 -17.87
CA PHE B 78 -7.60 28.26 -18.50
C PHE B 78 -8.63 28.05 -19.62
N LEU B 79 -8.50 26.94 -20.32
CA LEU B 79 -9.33 26.71 -21.50
C LEU B 79 -10.74 26.23 -21.09
N GLN B 80 -11.01 25.95 -19.80
CA GLN B 80 -12.34 25.53 -19.39
C GLN B 80 -13.22 26.73 -19.05
N PHE B 81 -12.69 27.95 -19.09
CA PHE B 81 -13.44 29.13 -18.70
C PHE B 81 -13.94 29.89 -19.92
N ALA B 82 -14.99 30.69 -19.73
CA ALA B 82 -15.44 31.65 -20.72
C ALA B 82 -16.03 32.85 -19.99
N PRO B 83 -15.98 34.06 -20.58
CA PRO B 83 -16.49 35.25 -19.95
C PRO B 83 -17.93 35.16 -19.48
N LYS B 84 -18.82 34.61 -20.33
CA LYS B 84 -20.25 34.68 -20.03
C LYS B 84 -20.91 33.39 -20.48
N PRO B 85 -20.69 32.27 -19.79
CA PRO B 85 -21.15 30.99 -20.32
C PRO B 85 -22.65 31.03 -20.54
N ALA B 86 -23.07 30.42 -21.66
CA ALA B 86 -24.46 30.28 -22.05
C ALA B 86 -25.24 29.53 -20.94
N LYS B 87 -24.66 28.38 -20.58
CA LYS B 87 -25.19 27.51 -19.55
C LYS B 87 -24.28 27.56 -18.33
N ASN B 88 -24.92 27.63 -17.16
CA ASN B 88 -24.20 27.56 -15.90
C ASN B 88 -24.29 26.13 -15.32
N GLU B 89 -24.77 25.15 -16.10
CA GLU B 89 -24.62 23.78 -15.66
C GLU B 89 -24.56 22.84 -16.85
N PRO B 90 -24.00 21.63 -16.66
CA PRO B 90 -23.82 20.69 -17.76
C PRO B 90 -25.13 20.00 -18.14
N ALA B 91 -25.21 19.62 -19.42
CA ALA B 91 -26.36 18.88 -19.91
C ALA B 91 -25.89 17.56 -20.49
N GLY B 92 -26.82 16.86 -21.16
CA GLY B 92 -26.47 15.67 -21.90
C GLY B 92 -25.84 14.62 -21.00
N LYS B 93 -24.90 13.82 -21.53
CA LYS B 93 -24.36 12.69 -20.78
C LYS B 93 -23.66 13.14 -19.51
N LEU B 94 -22.96 14.27 -19.56
CA LEU B 94 -22.28 14.75 -18.37
C LEU B 94 -23.29 15.10 -17.28
N GLY B 95 -24.33 15.84 -17.67
CA GLY B 95 -25.44 16.16 -16.77
C GLY B 95 -26.01 14.91 -16.08
N GLU B 96 -26.20 13.83 -16.86
CA GLU B 96 -26.78 12.61 -16.32
C GLU B 96 -25.78 11.91 -15.41
N ALA B 97 -24.51 11.85 -15.83
CA ALA B 97 -23.50 11.20 -15.01
C ALA B 97 -23.39 11.90 -13.64
N ILE B 98 -23.51 13.23 -13.64
CA ILE B 98 -23.41 13.99 -12.40
C ILE B 98 -24.60 13.67 -11.48
N LYS B 99 -25.79 13.55 -12.06
CA LYS B 99 -26.97 13.19 -11.28
C LYS B 99 -26.78 11.80 -10.71
N ARG B 100 -26.27 10.87 -11.55
CA ARG B 100 -26.06 9.49 -11.14
C ARG B 100 -25.04 9.43 -9.99
N ASP B 101 -23.92 10.15 -10.10
CA ASP B 101 -22.79 9.91 -9.21
C ASP B 101 -22.82 10.83 -7.99
N PHE B 102 -23.56 11.94 -8.07
CA PHE B 102 -23.56 12.89 -6.97
C PHE B 102 -24.97 13.19 -6.46
N GLY B 103 -25.98 12.51 -7.01
CA GLY B 103 -27.35 12.83 -6.65
C GLY B 103 -27.90 14.01 -7.45
N SER B 104 -27.17 15.13 -7.51
CA SER B 104 -27.59 16.26 -8.32
C SER B 104 -26.39 17.18 -8.59
N PHE B 105 -26.57 18.10 -9.54
CA PHE B 105 -25.58 19.11 -9.81
C PHE B 105 -25.28 19.91 -8.54
N GLU B 106 -26.32 20.29 -7.77
CA GLU B 106 -26.13 21.14 -6.61
C GLU B 106 -25.27 20.43 -5.57
N ASN B 107 -25.51 19.13 -5.41
CA ASN B 107 -24.73 18.34 -4.48
C ASN B 107 -23.29 18.19 -4.98
N PHE B 108 -23.15 17.99 -6.30
CA PHE B 108 -21.83 17.95 -6.90
C PHE B 108 -21.08 19.25 -6.57
N LYS B 109 -21.71 20.41 -6.75
CA LYS B 109 -21.07 21.68 -6.46
C LYS B 109 -20.56 21.72 -5.02
N LYS B 110 -21.40 21.24 -4.11
CA LYS B 110 -21.08 21.26 -2.69
C LYS B 110 -19.82 20.42 -2.44
N GLU B 111 -19.76 19.21 -3.02
CA GLU B 111 -18.63 18.32 -2.81
C GLU B 111 -17.35 18.88 -3.48
N PHE B 112 -17.53 19.53 -4.64
CA PHE B 112 -16.41 20.10 -5.37
C PHE B 112 -15.82 21.29 -4.62
N ASN B 113 -16.70 22.15 -4.12
CA ASN B 113 -16.30 23.26 -3.26
C ASN B 113 -15.55 22.77 -2.03
N ALA B 114 -16.07 21.69 -1.40
CA ALA B 114 -15.46 21.21 -0.16
C ALA B 114 -14.09 20.65 -0.47
N ALA B 115 -13.95 19.93 -1.57
CA ALA B 115 -12.63 19.38 -1.93
C ALA B 115 -11.67 20.53 -2.21
N SER B 116 -12.15 21.58 -2.88
CA SER B 116 -11.31 22.70 -3.22
C SER B 116 -10.85 23.41 -1.93
N VAL B 117 -11.77 23.67 -1.03
CA VAL B 117 -11.45 24.45 0.17
C VAL B 117 -10.64 23.58 1.12
N GLY B 118 -10.88 22.27 1.13
CA GLY B 118 -10.29 21.39 2.13
C GLY B 118 -8.89 20.92 1.74
N LEU B 119 -8.41 21.21 0.53
CA LEU B 119 -7.10 20.74 0.12
C LEU B 119 -6.04 21.61 0.80
N PHE B 120 -5.24 20.99 1.65
CA PHE B 120 -4.28 21.73 2.48
C PHE B 120 -2.99 21.95 1.69
N GLY B 121 -2.51 23.20 1.62
CA GLY B 121 -1.34 23.51 0.78
C GLY B 121 -1.72 23.77 -0.67
N SER B 122 -0.80 23.42 -1.59
CA SER B 122 -0.93 23.66 -3.01
C SER B 122 -1.50 22.42 -3.70
N GLY B 123 -2.38 22.64 -4.69
CA GLY B 123 -2.88 21.53 -5.48
C GLY B 123 -4.06 21.92 -6.34
N TRP B 124 -4.76 20.89 -6.81
CA TRP B 124 -5.89 20.99 -7.72
C TRP B 124 -7.03 20.10 -7.26
N ALA B 125 -8.24 20.67 -7.21
CA ALA B 125 -9.42 19.80 -7.10
C ALA B 125 -9.86 19.44 -8.51
N TRP B 126 -10.10 18.15 -8.71
CA TRP B 126 -10.43 17.63 -10.04
C TRP B 126 -11.71 16.82 -10.00
N LEU B 127 -12.54 17.10 -11.00
CA LEU B 127 -13.54 16.14 -11.45
C LEU B 127 -13.01 15.39 -12.66
N SER B 128 -13.06 14.07 -12.59
CA SER B 128 -12.55 13.19 -13.63
C SER B 128 -13.55 12.06 -13.90
N VAL B 129 -13.32 11.31 -14.99
CA VAL B 129 -14.09 10.10 -15.27
C VAL B 129 -13.13 8.93 -15.41
N ASP B 130 -13.51 7.77 -14.85
CA ASP B 130 -12.72 6.55 -14.97
C ASP B 130 -13.17 5.81 -16.23
N LYS B 131 -12.50 4.70 -16.54
CA LYS B 131 -12.72 3.95 -17.76
C LYS B 131 -14.10 3.29 -17.81
N ASP B 132 -14.80 3.16 -16.68
CA ASP B 132 -16.14 2.58 -16.70
C ASP B 132 -17.19 3.68 -16.79
N GLY B 133 -16.77 4.95 -16.94
CA GLY B 133 -17.72 6.04 -17.09
C GLY B 133 -18.17 6.62 -15.75
N LYS B 134 -17.53 6.21 -14.65
CA LYS B 134 -17.87 6.75 -13.34
C LYS B 134 -17.03 8.01 -13.03
N LEU B 135 -17.69 8.99 -12.37
CA LEU B 135 -17.06 10.27 -12.06
C LEU B 135 -16.41 10.21 -10.68
N HIS B 136 -15.33 10.97 -10.51
CA HIS B 136 -14.68 11.08 -9.22
C HIS B 136 -14.19 12.50 -9.00
N ILE B 137 -14.23 12.93 -7.75
CA ILE B 137 -13.55 14.14 -7.31
C ILE B 137 -12.28 13.73 -6.59
N THR B 138 -11.13 14.25 -7.01
CA THR B 138 -9.88 13.99 -6.33
C THR B 138 -9.23 15.32 -5.96
N LYS B 139 -8.36 15.24 -4.97
CA LYS B 139 -7.48 16.31 -4.57
C LYS B 139 -6.09 15.95 -5.05
N GLU B 140 -5.56 16.69 -6.02
CA GLU B 140 -4.25 16.39 -6.57
C GLU B 140 -3.26 17.34 -5.93
N PRO B 141 -2.26 16.85 -5.16
CA PRO B 141 -1.29 17.74 -4.53
C PRO B 141 -0.36 18.33 -5.56
N ASN B 142 0.00 19.59 -5.34
CA ASN B 142 1.09 20.23 -6.07
C ASN B 142 0.80 20.19 -7.56
N GLY B 143 1.64 19.49 -8.34
CA GLY B 143 1.51 19.51 -9.80
C GLY B 143 0.81 18.30 -10.36
N SER B 144 0.34 17.44 -9.47
CA SER B 144 -0.33 16.22 -9.90
C SER B 144 -1.61 16.47 -10.70
N ASN B 145 -1.96 15.48 -11.51
CA ASN B 145 -3.13 15.52 -12.39
C ASN B 145 -3.69 14.10 -12.51
N PRO B 146 -5.03 13.93 -12.62
CA PRO B 146 -5.65 12.60 -12.58
C PRO B 146 -5.22 11.61 -13.66
N VAL B 147 -4.61 12.13 -14.74
CA VAL B 147 -4.04 11.30 -15.81
C VAL B 147 -3.06 10.27 -15.27
N ARG B 148 -2.26 10.64 -14.24
CA ARG B 148 -1.38 9.67 -13.64
C ARG B 148 -2.13 8.41 -13.18
N ALA B 149 -3.33 8.57 -12.62
CA ALA B 149 -4.09 7.45 -12.10
C ALA B 149 -4.96 6.81 -13.19
N GLY B 150 -4.81 7.22 -14.45
CA GLY B 150 -5.58 6.66 -15.54
C GLY B 150 -6.99 7.25 -15.60
N LEU B 151 -7.23 8.40 -14.94
CA LEU B 151 -8.52 9.06 -15.06
C LEU B 151 -8.45 10.12 -16.15
N LYS B 152 -9.61 10.45 -16.71
CA LYS B 152 -9.70 11.48 -17.71
C LYS B 152 -10.22 12.76 -17.05
N PRO B 153 -9.41 13.83 -17.03
CA PRO B 153 -9.76 15.04 -16.28
C PRO B 153 -10.78 15.90 -17.00
N LEU B 154 -11.81 16.36 -16.27
CA LEU B 154 -12.90 17.11 -16.86
C LEU B 154 -12.90 18.57 -16.39
N LEU B 155 -12.81 18.80 -15.06
CA LEU B 155 -12.97 20.15 -14.52
C LEU B 155 -12.05 20.32 -13.29
N THR B 156 -11.42 21.49 -13.17
CA THR B 156 -10.50 21.67 -12.06
C THR B 156 -10.61 23.06 -11.46
N CYS B 157 -10.24 23.10 -10.17
CA CYS B 157 -9.97 24.36 -9.49
C CYS B 157 -8.54 24.36 -8.99
N ASP B 158 -7.79 25.37 -9.40
CA ASP B 158 -6.41 25.54 -8.96
C ASP B 158 -6.45 26.22 -7.61
N VAL B 159 -5.97 25.51 -6.55
CA VAL B 159 -5.99 26.13 -5.23
C VAL B 159 -4.57 26.44 -4.74
N TRP B 160 -3.57 26.42 -5.64
CA TRP B 160 -2.36 27.17 -5.38
C TRP B 160 -2.76 28.59 -5.08
N GLU B 161 -2.14 29.19 -4.08
CA GLU B 161 -2.46 30.56 -3.71
C GLU B 161 -2.29 31.56 -4.84
N HIS B 162 -1.30 31.36 -5.73
CA HIS B 162 -1.12 32.30 -6.86
C HIS B 162 -2.40 32.43 -7.68
N ALA B 163 -3.28 31.43 -7.62
CA ALA B 163 -4.45 31.44 -8.47
C ALA B 163 -5.46 32.49 -8.00
N TYR B 164 -5.39 32.86 -6.70
CA TYR B 164 -6.40 33.72 -6.10
C TYR B 164 -5.86 34.80 -5.19
N TYR B 165 -4.59 34.77 -4.83
CA TYR B 165 -4.15 35.62 -3.74
C TYR B 165 -4.22 37.10 -4.10
N LEU B 166 -3.97 37.49 -5.34
CA LEU B 166 -3.99 38.93 -5.66
C LEU B 166 -5.42 39.46 -5.61
N ASP B 167 -6.42 38.58 -5.79
CA ASP B 167 -7.79 39.02 -5.85
C ASP B 167 -8.56 38.74 -4.56
N TYR B 168 -8.20 37.69 -3.81
CA TYR B 168 -8.99 37.21 -2.68
C TYR B 168 -8.13 37.11 -1.42
N GLN B 169 -6.82 37.28 -1.55
CA GLN B 169 -5.88 36.95 -0.49
C GLN B 169 -6.21 35.59 0.09
N ASN B 170 -6.36 35.50 1.42
CA ASN B 170 -6.57 34.22 2.08
C ASN B 170 -7.97 33.66 1.87
N ARG B 171 -8.87 34.34 1.17
CA ARG B 171 -10.27 33.91 1.15
C ARG B 171 -10.50 32.94 -0.03
N ARG B 172 -9.91 31.76 0.10
CA ARG B 172 -10.00 30.76 -0.95
C ARG B 172 -11.46 30.41 -1.26
N ALA B 173 -12.27 30.19 -0.19
CA ALA B 173 -13.66 29.76 -0.39
C ALA B 173 -14.42 30.74 -1.29
N ASP B 174 -14.17 32.02 -1.09
CA ASP B 174 -14.90 33.04 -1.85
C ASP B 174 -14.55 32.93 -3.34
N HIS B 175 -13.26 32.68 -3.62
CA HIS B 175 -12.78 32.52 -4.98
C HIS B 175 -13.45 31.30 -5.62
N VAL B 176 -13.40 30.17 -4.90
CA VAL B 176 -13.97 28.93 -5.40
C VAL B 176 -15.44 29.12 -5.77
N ASN B 177 -16.22 29.78 -4.88
CA ASN B 177 -17.63 29.99 -5.13
C ASN B 177 -17.88 30.79 -6.41
N LYS B 178 -17.03 31.78 -6.71
CA LYS B 178 -17.18 32.61 -7.90
C LYS B 178 -16.88 31.86 -9.21
N LEU B 179 -16.02 30.85 -9.17
CA LEU B 179 -15.59 30.14 -10.38
C LEU B 179 -16.76 29.54 -11.17
N TRP B 180 -17.80 29.07 -10.47
CA TRP B 180 -18.94 28.46 -11.15
C TRP B 180 -19.51 29.36 -12.25
N GLU B 181 -19.39 30.67 -12.08
CA GLU B 181 -19.98 31.62 -13.01
C GLU B 181 -19.22 31.68 -14.33
N ILE B 182 -17.97 31.17 -14.40
CA ILE B 182 -17.18 31.28 -15.62
C ILE B 182 -16.80 29.93 -16.21
N ILE B 183 -17.41 28.84 -15.72
CA ILE B 183 -17.15 27.53 -16.30
C ILE B 183 -17.89 27.44 -17.66
N ASP B 184 -17.13 27.11 -18.70
CA ASP B 184 -17.66 26.83 -20.02
C ASP B 184 -18.02 25.35 -20.13
N TRP B 185 -19.27 25.04 -19.79
CA TRP B 185 -19.71 23.65 -19.76
C TRP B 185 -19.62 22.96 -21.12
N ASP B 186 -19.66 23.71 -22.23
CA ASP B 186 -19.52 23.09 -23.54
C ASP B 186 -18.14 22.47 -23.66
N VAL B 187 -17.12 23.15 -23.12
CA VAL B 187 -15.77 22.62 -23.18
C VAL B 187 -15.71 21.39 -22.27
N VAL B 188 -16.26 21.53 -21.07
CA VAL B 188 -16.12 20.47 -20.10
C VAL B 188 -16.82 19.21 -20.61
N GLU B 189 -18.00 19.37 -21.21
CA GLU B 189 -18.78 18.24 -21.70
C GLU B 189 -17.98 17.45 -22.73
N LYS B 190 -17.24 18.16 -23.57
CA LYS B 190 -16.52 17.53 -24.65
C LYS B 190 -15.32 16.75 -24.14
N ARG B 191 -14.95 16.96 -22.87
CA ARG B 191 -13.85 16.17 -22.32
C ARG B 191 -14.35 14.79 -21.89
N LEU B 192 -15.67 14.61 -21.77
CA LEU B 192 -16.18 13.35 -21.26
C LEU B 192 -15.80 12.21 -22.22
N MET C 1 -1.33 -10.88 -21.83
CA MET C 1 -0.28 -11.60 -21.09
C MET C 1 0.90 -11.76 -22.05
N TYR C 2 2.11 -11.49 -21.55
CA TYR C 2 3.31 -11.61 -22.35
C TYR C 2 3.78 -13.05 -22.28
N GLU C 3 4.23 -13.57 -23.40
CA GLU C 3 4.51 -15.00 -23.58
C GLU C 3 5.99 -15.18 -23.88
N MET C 4 6.56 -16.30 -23.48
CA MET C 4 7.92 -16.63 -23.89
C MET C 4 7.92 -16.83 -25.40
N PRO C 5 8.84 -16.20 -26.17
CA PRO C 5 8.92 -16.47 -27.59
C PRO C 5 9.48 -17.85 -27.79
N LYS C 6 9.01 -18.51 -28.85
CA LYS C 6 9.48 -19.83 -29.25
C LYS C 6 10.90 -19.76 -29.79
N LEU C 7 11.79 -20.63 -29.30
CA LEU C 7 13.15 -20.67 -29.86
C LEU C 7 13.06 -21.38 -31.19
N PRO C 8 13.71 -20.85 -32.24
CA PRO C 8 13.64 -21.54 -33.53
C PRO C 8 14.67 -22.64 -33.69
N TYR C 9 15.27 -23.11 -32.59
CA TYR C 9 16.29 -24.14 -32.66
C TYR C 9 16.28 -24.81 -31.30
N ALA C 10 16.87 -25.98 -31.22
CA ALA C 10 17.00 -26.69 -29.95
C ALA C 10 18.04 -25.96 -29.08
N ASN C 11 17.99 -26.23 -27.78
CA ASN C 11 18.77 -25.57 -26.76
C ASN C 11 20.25 -25.85 -26.97
N ASN C 12 20.60 -27.00 -27.57
CA ASN C 12 22.01 -27.35 -27.76
C ASN C 12 22.50 -27.01 -29.16
N ALA C 13 21.64 -26.34 -29.95
CA ALA C 13 21.91 -26.23 -31.39
C ALA C 13 22.97 -25.19 -31.72
N LEU C 14 23.30 -24.29 -30.78
CA LEU C 14 24.27 -23.23 -31.06
C LEU C 14 25.67 -23.61 -30.61
N GLU C 15 25.88 -24.83 -30.14
CA GLU C 15 27.21 -25.29 -29.81
C GLU C 15 28.04 -25.31 -31.10
N PRO C 16 29.34 -25.01 -31.06
CA PRO C 16 30.06 -24.72 -29.82
C PRO C 16 30.13 -23.26 -29.41
N VAL C 17 29.35 -22.40 -30.06
CA VAL C 17 29.43 -20.98 -29.79
C VAL C 17 28.81 -20.69 -28.43
N ILE C 18 27.60 -21.21 -28.23
CA ILE C 18 26.88 -21.06 -26.98
C ILE C 18 26.38 -22.44 -26.56
N SER C 19 26.66 -22.79 -25.31
CA SER C 19 26.40 -24.13 -24.82
C SER C 19 24.90 -24.28 -24.55
N GLN C 20 24.51 -25.57 -24.50
CA GLN C 20 23.18 -25.94 -24.08
C GLN C 20 22.85 -25.32 -22.72
N GLN C 21 23.81 -25.47 -21.80
CA GLN C 21 23.63 -24.97 -20.45
C GLN C 21 23.32 -23.47 -20.49
N THR C 22 24.10 -22.71 -21.27
CA THR C 22 23.89 -21.27 -21.33
C THR C 22 22.47 -20.99 -21.84
N ILE C 23 22.02 -21.71 -22.89
CA ILE C 23 20.70 -21.45 -23.40
C ILE C 23 19.65 -21.81 -22.34
N ASP C 24 19.82 -22.97 -21.68
CA ASP C 24 18.90 -23.37 -20.61
C ASP C 24 18.72 -22.24 -19.58
N TYR C 25 19.84 -21.63 -19.13
CA TYR C 25 19.75 -20.57 -18.13
C TYR C 25 19.33 -19.24 -18.77
N HIS C 26 19.97 -18.88 -19.89
CA HIS C 26 19.81 -17.54 -20.44
C HIS C 26 18.35 -17.36 -20.89
N TYR C 27 17.84 -18.34 -21.65
CA TYR C 27 16.48 -18.30 -22.14
C TYR C 27 15.53 -18.81 -21.05
N GLY C 28 15.84 -20.00 -20.52
CA GLY C 28 14.89 -20.69 -19.67
C GLY C 28 14.72 -20.08 -18.28
N LYS C 29 15.69 -19.30 -17.80
CA LYS C 29 15.60 -18.68 -16.49
C LYS C 29 15.58 -17.14 -16.60
N HIS C 30 16.62 -16.55 -17.19
CA HIS C 30 16.70 -15.08 -17.21
C HIS C 30 15.54 -14.49 -17.99
N LEU C 31 15.30 -14.98 -19.23
CA LEU C 31 14.23 -14.38 -20.01
C LEU C 31 12.88 -14.67 -19.35
N GLN C 32 12.71 -15.89 -18.81
CA GLN C 32 11.50 -16.26 -18.10
C GLN C 32 11.23 -15.27 -16.98
N THR C 33 12.26 -14.91 -16.20
CA THR C 33 12.10 -13.94 -15.12
C THR C 33 11.63 -12.59 -15.64
N TYR C 34 12.25 -12.15 -16.74
CA TYR C 34 11.89 -10.83 -17.22
C TYR C 34 10.44 -10.84 -17.69
N VAL C 35 10.02 -11.92 -18.35
CA VAL C 35 8.64 -12.02 -18.81
C VAL C 35 7.68 -12.06 -17.61
N ASN C 36 7.97 -12.94 -16.63
CA ASN C 36 7.17 -12.99 -15.41
C ASN C 36 7.07 -11.60 -14.78
N ASN C 37 8.19 -10.87 -14.71
CA ASN C 37 8.17 -9.55 -14.08
C ASN C 37 7.25 -8.61 -14.88
N LEU C 38 7.31 -8.68 -16.20
CA LEU C 38 6.43 -7.83 -17.00
C LEU C 38 4.97 -8.17 -16.73
N ASN C 39 4.63 -9.46 -16.65
CA ASN C 39 3.28 -9.88 -16.36
C ASN C 39 2.83 -9.49 -14.96
N SER C 40 3.77 -9.35 -14.00
CA SER C 40 3.45 -8.83 -12.66
C SER C 40 3.25 -7.32 -12.67
N LEU C 41 4.06 -6.59 -13.43
CA LEU C 41 4.13 -5.14 -13.23
C LEU C 41 3.15 -4.36 -14.10
N VAL C 42 2.78 -4.91 -15.27
CA VAL C 42 2.08 -4.14 -16.29
C VAL C 42 0.59 -4.04 -16.01
N PRO C 43 -0.11 -5.11 -15.55
CA PRO C 43 -1.55 -5.03 -15.31
C PRO C 43 -1.90 -3.81 -14.46
N GLY C 44 -2.92 -3.04 -14.89
CA GLY C 44 -3.36 -1.91 -14.09
C GLY C 44 -2.55 -0.63 -14.32
N THR C 45 -1.56 -0.65 -15.21
CA THR C 45 -0.79 0.54 -15.56
C THR C 45 -1.19 0.99 -16.95
N GLU C 46 -0.67 2.15 -17.32
CA GLU C 46 -0.92 2.72 -18.64
C GLU C 46 -0.34 1.80 -19.72
N TYR C 47 0.52 0.85 -19.36
CA TYR C 47 1.21 0.02 -20.34
C TYR C 47 0.38 -1.19 -20.69
N GLU C 48 -0.71 -1.41 -19.96
CA GLU C 48 -1.53 -2.59 -20.16
C GLU C 48 -2.01 -2.64 -21.60
N GLY C 49 -1.90 -3.84 -22.21
CA GLY C 49 -2.38 -4.02 -23.58
C GLY C 49 -1.36 -3.57 -24.63
N LYS C 50 -0.23 -2.95 -24.23
CA LYS C 50 0.79 -2.60 -25.19
C LYS C 50 1.72 -3.78 -25.45
N THR C 51 2.33 -3.76 -26.64
CA THR C 51 3.38 -4.72 -26.98
C THR C 51 4.63 -4.42 -26.18
N VAL C 52 5.52 -5.42 -26.11
CA VAL C 52 6.80 -5.20 -25.49
C VAL C 52 7.50 -4.01 -26.15
N GLU C 53 7.55 -4.03 -27.49
CA GLU C 53 8.23 -2.96 -28.22
C GLU C 53 7.67 -1.58 -27.81
N ALA C 54 6.33 -1.49 -27.71
CA ALA C 54 5.70 -0.19 -27.43
C ALA C 54 6.04 0.26 -26.02
N ILE C 55 6.17 -0.69 -25.08
CA ILE C 55 6.57 -0.34 -23.74
C ILE C 55 7.99 0.21 -23.75
N VAL C 56 8.89 -0.50 -24.43
CA VAL C 56 10.27 -0.03 -24.51
C VAL C 56 10.35 1.38 -25.11
N ALA C 57 9.50 1.64 -26.10
CA ALA C 57 9.47 2.93 -26.78
C ALA C 57 8.89 4.04 -25.88
N SER C 58 8.06 3.70 -24.89
CA SER C 58 7.28 4.69 -24.17
C SER C 58 7.64 4.81 -22.68
N ALA C 59 8.33 3.84 -22.07
CA ALA C 59 8.53 3.87 -20.64
C ALA C 59 9.78 4.67 -20.25
N PRO C 60 9.70 5.47 -19.18
CA PRO C 60 10.89 6.06 -18.57
C PRO C 60 11.66 5.03 -17.75
N ASP C 61 12.86 5.39 -17.29
CA ASP C 61 13.72 4.54 -16.49
C ASP C 61 12.91 4.02 -15.31
N GLY C 62 13.12 2.75 -14.97
CA GLY C 62 12.29 2.13 -13.97
C GLY C 62 12.26 0.64 -14.20
N ALA C 63 11.47 -0.04 -13.34
CA ALA C 63 11.41 -1.50 -13.34
C ALA C 63 10.68 -2.00 -14.58
N ILE C 64 9.65 -1.29 -15.00
CA ILE C 64 8.90 -1.69 -16.18
C ILE C 64 9.84 -1.59 -17.37
N PHE C 65 10.55 -0.47 -17.51
CA PHE C 65 11.47 -0.33 -18.63
C PHE C 65 12.57 -1.40 -18.57
N ASN C 66 13.11 -1.63 -17.39
CA ASN C 66 14.16 -2.61 -17.20
C ASN C 66 13.71 -3.95 -17.74
N ASN C 67 12.51 -4.36 -17.34
CA ASN C 67 12.05 -5.69 -17.68
C ASN C 67 11.63 -5.75 -19.15
N ALA C 68 10.91 -4.71 -19.63
CA ALA C 68 10.50 -4.69 -21.03
C ALA C 68 11.72 -4.69 -21.93
N GLY C 69 12.66 -3.82 -21.63
CA GLY C 69 13.87 -3.73 -22.43
C GLY C 69 14.59 -5.08 -22.49
N GLN C 70 14.64 -5.80 -21.37
CA GLN C 70 15.32 -7.08 -21.34
C GLN C 70 14.54 -8.11 -22.14
N VAL C 71 13.20 -8.02 -22.08
CA VAL C 71 12.40 -8.96 -22.84
C VAL C 71 12.65 -8.72 -24.33
N LEU C 72 12.59 -7.48 -24.72
CA LEU C 72 12.81 -7.12 -26.12
C LEU C 72 14.23 -7.53 -26.58
N ASN C 73 15.25 -7.11 -25.81
CA ASN C 73 16.63 -7.43 -26.13
C ASN C 73 16.78 -8.96 -26.33
N HIS C 74 16.29 -9.78 -25.40
CA HIS C 74 16.55 -11.22 -25.47
C HIS C 74 15.73 -11.85 -26.59
N THR C 75 14.54 -11.31 -26.83
CA THR C 75 13.72 -11.81 -27.93
C THR C 75 14.48 -11.69 -29.26
N LEU C 76 14.95 -10.48 -29.56
CA LEU C 76 15.65 -10.22 -30.81
C LEU C 76 16.98 -10.99 -30.86
N TYR C 77 17.66 -11.06 -29.73
CA TYR C 77 18.91 -11.79 -29.60
C TYR C 77 18.73 -13.25 -29.98
N PHE C 78 17.84 -13.96 -29.30
CA PHE C 78 17.73 -15.39 -29.58
C PHE C 78 17.25 -15.64 -31.01
N LEU C 79 16.37 -14.76 -31.52
CA LEU C 79 15.78 -14.97 -32.82
C LEU C 79 16.74 -14.52 -33.94
N GLN C 80 17.88 -13.92 -33.64
CA GLN C 80 18.80 -13.51 -34.71
C GLN C 80 19.80 -14.63 -35.04
N PHE C 81 19.76 -15.74 -34.30
CA PHE C 81 20.75 -16.79 -34.46
C PHE C 81 20.17 -17.98 -35.21
N ALA C 82 21.07 -18.74 -35.87
CA ALA C 82 20.69 -20.03 -36.41
C ALA C 82 21.87 -20.97 -36.24
N PRO C 83 21.62 -22.27 -36.09
CA PRO C 83 22.72 -23.24 -36.04
C PRO C 83 23.64 -23.23 -37.26
N LYS C 84 23.05 -23.04 -38.46
CA LYS C 84 23.80 -23.06 -39.71
C LYS C 84 23.24 -21.95 -40.60
N PRO C 85 23.63 -20.69 -40.37
CA PRO C 85 23.16 -19.60 -41.25
C PRO C 85 23.44 -19.90 -42.70
N ALA C 86 22.47 -19.58 -43.57
CA ALA C 86 22.61 -19.67 -45.02
C ALA C 86 23.67 -18.68 -45.51
N LYS C 87 23.71 -17.49 -44.92
CA LYS C 87 24.59 -16.41 -45.33
C LYS C 87 25.54 -16.08 -44.16
N ASN C 88 26.81 -15.86 -44.38
CA ASN C 88 27.75 -15.48 -43.32
C ASN C 88 28.01 -13.96 -43.32
N GLU C 89 27.30 -13.24 -44.19
CA GLU C 89 27.34 -11.79 -44.16
C GLU C 89 26.04 -11.32 -44.83
N PRO C 90 25.62 -10.07 -44.56
CA PRO C 90 24.40 -9.55 -45.15
C PRO C 90 24.57 -9.15 -46.62
N ALA C 91 23.49 -9.26 -47.38
CA ALA C 91 23.44 -8.82 -48.76
C ALA C 91 22.34 -7.78 -48.91
N GLY C 92 22.09 -7.43 -50.18
CA GLY C 92 20.96 -6.56 -50.49
C GLY C 92 21.07 -5.22 -49.77
N LYS C 93 19.94 -4.64 -49.35
CA LYS C 93 19.91 -3.30 -48.78
C LYS C 93 20.80 -3.21 -47.55
N LEU C 94 20.73 -4.24 -46.69
CA LEU C 94 21.50 -4.18 -45.45
C LEU C 94 22.99 -4.19 -45.78
N GLY C 95 23.38 -5.08 -46.70
CA GLY C 95 24.76 -5.14 -47.17
C GLY C 95 25.24 -3.79 -47.68
N GLU C 96 24.42 -3.10 -48.47
CA GLU C 96 24.80 -1.80 -49.02
C GLU C 96 24.86 -0.75 -47.91
N ALA C 97 23.88 -0.77 -46.99
CA ALA C 97 23.91 0.23 -45.92
C ALA C 97 25.18 0.08 -45.08
N ILE C 98 25.60 -1.17 -44.86
CA ILE C 98 26.79 -1.43 -44.06
C ILE C 98 28.04 -0.91 -44.78
N LYS C 99 28.10 -1.11 -46.11
CA LYS C 99 29.23 -0.62 -46.88
C LYS C 99 29.24 0.91 -46.81
N ARG C 100 28.05 1.52 -46.95
CA ARG C 100 27.93 2.96 -46.96
C ARG C 100 28.36 3.54 -45.61
N ASP C 101 27.91 2.94 -44.50
CA ASP C 101 28.04 3.58 -43.19
C ASP C 101 29.31 3.14 -42.46
N PHE C 102 29.92 2.02 -42.85
CA PHE C 102 31.08 1.51 -42.13
C PHE C 102 32.27 1.26 -43.05
N GLY C 103 32.13 1.61 -44.34
CA GLY C 103 33.19 1.31 -45.30
C GLY C 103 33.10 -0.11 -45.85
N SER C 104 33.03 -1.11 -44.96
CA SER C 104 32.90 -2.49 -45.38
C SER C 104 32.31 -3.31 -44.24
N PHE C 105 31.88 -4.52 -44.58
CA PHE C 105 31.44 -5.48 -43.61
C PHE C 105 32.56 -5.75 -42.58
N GLU C 106 33.80 -5.90 -43.05
CA GLU C 106 34.91 -6.30 -42.19
C GLU C 106 35.16 -5.17 -41.17
N ASN C 107 35.04 -3.92 -41.61
CA ASN C 107 35.25 -2.81 -40.71
C ASN C 107 34.06 -2.69 -39.76
N PHE C 108 32.85 -2.96 -40.24
CA PHE C 108 31.69 -3.02 -39.37
C PHE C 108 31.95 -4.04 -38.26
N LYS C 109 32.39 -5.27 -38.61
CA LYS C 109 32.65 -6.29 -37.60
C LYS C 109 33.61 -5.78 -36.53
N LYS C 110 34.65 -5.10 -36.98
CA LYS C 110 35.69 -4.63 -36.08
C LYS C 110 35.12 -3.61 -35.11
N GLU C 111 34.27 -2.68 -35.60
CA GLU C 111 33.71 -1.64 -34.76
C GLU C 111 32.66 -2.25 -33.80
N PHE C 112 31.93 -3.25 -34.29
CA PHE C 112 30.91 -3.93 -33.50
C PHE C 112 31.56 -4.73 -32.36
N ASN C 113 32.63 -5.44 -32.68
CA ASN C 113 33.43 -6.18 -31.71
C ASN C 113 33.97 -5.22 -30.64
N ALA C 114 34.48 -4.06 -31.07
CA ALA C 114 35.08 -3.13 -30.13
C ALA C 114 34.01 -2.58 -29.20
N ALA C 115 32.83 -2.26 -29.75
CA ALA C 115 31.75 -1.77 -28.88
C ALA C 115 31.36 -2.87 -27.88
N SER C 116 31.30 -4.13 -28.35
CA SER C 116 30.90 -5.24 -27.52
C SER C 116 31.90 -5.43 -26.38
N VAL C 117 33.17 -5.48 -26.73
CA VAL C 117 34.22 -5.76 -25.77
C VAL C 117 34.41 -4.55 -24.86
N GLY C 118 34.17 -3.35 -25.35
CA GLY C 118 34.49 -2.16 -24.55
C GLY C 118 33.35 -1.72 -23.64
N LEU C 119 32.18 -2.35 -23.70
CA LEU C 119 31.06 -1.91 -22.87
C LEU C 119 31.31 -2.37 -21.43
N PHE C 120 31.46 -1.39 -20.53
CA PHE C 120 31.82 -1.66 -19.15
C PHE C 120 30.58 -2.01 -18.33
N GLY C 121 30.60 -3.14 -17.60
CA GLY C 121 29.41 -3.59 -16.89
C GLY C 121 28.46 -4.40 -17.79
N SER C 122 27.17 -4.29 -17.49
CA SER C 122 26.12 -5.05 -18.16
C SER C 122 25.53 -4.18 -19.26
N GLY C 123 25.20 -4.80 -20.38
CA GLY C 123 24.51 -4.09 -21.45
C GLY C 123 24.52 -4.88 -22.75
N TRP C 124 24.22 -4.15 -23.83
CA TRP C 124 24.04 -4.68 -25.17
C TRP C 124 24.75 -3.79 -26.17
N ALA C 125 25.58 -4.37 -27.04
CA ALA C 125 26.00 -3.67 -28.23
C ALA C 125 24.95 -3.91 -29.32
N TRP C 126 24.55 -2.81 -29.98
CA TRP C 126 23.46 -2.81 -30.94
C TRP C 126 23.86 -2.16 -32.25
N LEU C 127 23.50 -2.83 -33.33
CA LEU C 127 23.37 -2.23 -34.63
C LEU C 127 21.89 -1.93 -34.87
N SER C 128 21.62 -0.68 -35.23
CA SER C 128 20.27 -0.18 -35.48
C SER C 128 20.23 0.67 -36.73
N VAL C 129 19.04 0.96 -37.22
CA VAL C 129 18.83 1.91 -38.30
C VAL C 129 17.92 3.02 -37.80
N ASP C 130 18.27 4.27 -38.12
CA ASP C 130 17.43 5.43 -37.76
C ASP C 130 16.39 5.62 -38.85
N LYS C 131 15.48 6.55 -38.62
CA LYS C 131 14.34 6.76 -39.49
C LYS C 131 14.77 7.32 -40.86
N ASP C 132 16.01 7.81 -41.01
CA ASP C 132 16.48 8.33 -42.28
C ASP C 132 17.24 7.24 -43.04
N GLY C 133 17.30 6.03 -42.50
CA GLY C 133 17.97 4.91 -43.18
C GLY C 133 19.45 4.78 -42.82
N LYS C 134 19.95 5.58 -41.87
CA LYS C 134 21.34 5.49 -41.46
C LYS C 134 21.54 4.47 -40.32
N LEU C 135 22.64 3.73 -40.35
CA LEU C 135 22.96 2.70 -39.37
C LEU C 135 23.80 3.28 -38.23
N HIS C 136 23.62 2.73 -37.04
CA HIS C 136 24.39 3.15 -35.89
C HIS C 136 24.75 1.92 -35.04
N ILE C 137 25.92 2.02 -34.43
CA ILE C 137 26.30 1.12 -33.37
C ILE C 137 26.16 1.85 -32.05
N THR C 138 25.38 1.30 -31.12
CA THR C 138 25.25 1.89 -29.80
C THR C 138 25.61 0.89 -28.73
N LYS C 139 26.02 1.42 -27.57
CA LYS C 139 26.19 0.65 -26.35
C LYS C 139 24.99 0.97 -25.46
N GLU C 140 24.12 -0.01 -25.25
CA GLU C 140 22.94 0.20 -24.43
C GLU C 140 23.23 -0.38 -23.05
N PRO C 141 23.22 0.44 -21.97
CA PRO C 141 23.52 -0.07 -20.64
C PRO C 141 22.35 -0.91 -20.13
N ASN C 142 22.70 -1.97 -19.42
CA ASN C 142 21.73 -2.72 -18.63
C ASN C 142 20.63 -3.24 -19.53
N GLY C 143 19.37 -2.77 -19.32
CA GLY C 143 18.25 -3.33 -20.07
C GLY C 143 17.81 -2.46 -21.24
N SER C 144 18.56 -1.39 -21.48
CA SER C 144 18.22 -0.44 -22.52
C SER C 144 18.26 -1.09 -23.91
N ASN C 145 17.48 -0.49 -24.81
CA ASN C 145 17.33 -0.97 -26.18
C ASN C 145 17.15 0.23 -27.08
N PRO C 146 17.69 0.21 -28.32
CA PRO C 146 17.65 1.40 -29.22
C PRO C 146 16.28 1.96 -29.56
N VAL C 147 15.23 1.15 -29.35
CA VAL C 147 13.85 1.61 -29.55
C VAL C 147 13.54 2.84 -28.70
N ARG C 148 14.11 2.94 -27.51
CA ARG C 148 13.89 4.13 -26.70
C ARG C 148 14.30 5.40 -27.45
N ALA C 149 15.40 5.33 -28.23
CA ALA C 149 15.88 6.49 -28.97
C ALA C 149 15.21 6.61 -30.32
N GLY C 150 14.18 5.81 -30.61
CA GLY C 150 13.52 5.85 -31.92
C GLY C 150 14.32 5.13 -33.01
N LEU C 151 15.28 4.28 -32.64
CA LEU C 151 16.02 3.51 -33.65
C LEU C 151 15.37 2.12 -33.79
N LYS C 152 15.53 1.51 -34.96
CA LYS C 152 15.03 0.17 -35.18
C LYS C 152 16.18 -0.83 -35.03
N PRO C 153 16.09 -1.72 -34.02
CA PRO C 153 17.21 -2.60 -33.69
C PRO C 153 17.32 -3.78 -34.66
N LEU C 154 18.56 -4.05 -35.12
CA LEU C 154 18.81 -5.08 -36.11
C LEU C 154 19.61 -6.26 -35.54
N LEU C 155 20.74 -5.95 -34.87
CA LEU C 155 21.65 -7.00 -34.42
C LEU C 155 22.26 -6.62 -33.07
N THR C 156 22.38 -7.62 -32.17
CA THR C 156 22.92 -7.31 -30.87
C THR C 156 23.86 -8.40 -30.35
N CYS C 157 24.76 -7.95 -29.48
CA CYS C 157 25.53 -8.82 -28.60
C CYS C 157 25.22 -8.51 -27.14
N ASP C 158 24.73 -9.51 -26.40
CA ASP C 158 24.44 -9.38 -25.00
C ASP C 158 25.76 -9.56 -24.25
N VAL C 159 26.23 -8.51 -23.54
CA VAL C 159 27.49 -8.62 -22.82
C VAL C 159 27.28 -8.62 -21.31
N TRP C 160 26.02 -8.78 -20.85
CA TRP C 160 25.80 -9.29 -19.52
C TRP C 160 26.62 -10.56 -19.38
N GLU C 161 27.28 -10.72 -18.24
CA GLU C 161 28.12 -11.89 -18.02
C GLU C 161 27.35 -13.21 -18.16
N HIS C 162 26.08 -13.24 -17.74
CA HIS C 162 25.31 -14.48 -17.82
C HIS C 162 25.28 -15.02 -19.26
N ALA C 163 25.50 -14.13 -20.24
CA ALA C 163 25.38 -14.56 -21.63
C ALA C 163 26.53 -15.47 -22.02
N TYR C 164 27.67 -15.37 -21.29
CA TYR C 164 28.89 -16.04 -21.71
C TYR C 164 29.65 -16.72 -20.57
N TYR C 165 29.31 -16.43 -19.30
CA TYR C 165 30.28 -16.77 -18.25
C TYR C 165 30.40 -18.30 -18.11
N LEU C 166 29.34 -19.06 -18.33
CA LEU C 166 29.41 -20.50 -18.12
C LEU C 166 30.32 -21.12 -19.17
N ASP C 167 30.45 -20.49 -20.33
CA ASP C 167 31.18 -21.08 -21.45
C ASP C 167 32.57 -20.45 -21.63
N TYR C 168 32.74 -19.16 -21.24
CA TYR C 168 33.94 -18.41 -21.57
C TYR C 168 34.54 -17.80 -20.31
N GLN C 169 33.84 -17.89 -19.17
CA GLN C 169 34.20 -17.11 -18.00
C GLN C 169 34.50 -15.65 -18.39
N ASN C 170 35.67 -15.14 -18.00
CA ASN C 170 36.00 -13.74 -18.24
C ASN C 170 36.37 -13.47 -19.70
N ARG C 171 36.38 -14.46 -20.60
CA ARG C 171 36.91 -14.24 -21.94
C ARG C 171 35.79 -13.76 -22.87
N ARG C 172 35.30 -12.56 -22.60
CA ARG C 172 34.20 -11.99 -23.36
C ARG C 172 34.56 -11.89 -24.84
N ALA C 173 35.79 -11.42 -25.15
CA ALA C 173 36.19 -11.19 -26.53
C ALA C 173 36.10 -12.51 -27.32
N ASP C 174 36.45 -13.63 -26.70
CA ASP C 174 36.38 -14.89 -27.43
C ASP C 174 34.95 -15.24 -27.80
N HIS C 175 34.03 -14.96 -26.87
CA HIS C 175 32.62 -15.23 -27.10
C HIS C 175 32.11 -14.36 -28.26
N VAL C 176 32.42 -13.07 -28.19
CA VAL C 176 32.00 -12.12 -29.20
C VAL C 176 32.48 -12.56 -30.58
N ASN C 177 33.74 -12.97 -30.69
CA ASN C 177 34.29 -13.39 -31.98
C ASN C 177 33.55 -14.58 -32.56
N LYS C 178 33.15 -15.54 -31.69
CA LYS C 178 32.45 -16.74 -32.14
C LYS C 178 31.02 -16.44 -32.62
N LEU C 179 30.37 -15.39 -32.09
CA LEU C 179 28.97 -15.12 -32.40
C LEU C 179 28.73 -14.97 -33.90
N TRP C 180 29.67 -14.36 -34.62
CA TRP C 180 29.50 -14.12 -36.06
C TRP C 180 29.12 -15.39 -36.81
N GLU C 181 29.58 -16.55 -36.32
CA GLU C 181 29.34 -17.82 -37.01
C GLU C 181 27.92 -18.31 -36.86
N ILE C 182 27.11 -17.73 -35.95
CA ILE C 182 25.73 -18.16 -35.78
C ILE C 182 24.73 -17.04 -36.06
N ILE C 183 25.16 -15.94 -36.65
CA ILE C 183 24.25 -14.87 -37.00
C ILE C 183 23.48 -15.29 -38.23
N ASP C 184 22.14 -15.30 -38.13
CA ASP C 184 21.28 -15.62 -39.25
C ASP C 184 20.95 -14.33 -40.00
N TRP C 185 21.80 -13.97 -40.94
CA TRP C 185 21.65 -12.71 -41.64
C TRP C 185 20.36 -12.63 -42.43
N ASP C 186 19.74 -13.78 -42.79
CA ASP C 186 18.45 -13.73 -43.46
C ASP C 186 17.42 -13.05 -42.57
N VAL C 187 17.50 -13.37 -41.26
CA VAL C 187 16.56 -12.78 -40.32
C VAL C 187 16.90 -11.31 -40.16
N VAL C 188 18.19 -11.03 -39.96
CA VAL C 188 18.61 -9.69 -39.62
C VAL C 188 18.24 -8.74 -40.77
N GLU C 189 18.43 -9.20 -42.02
CA GLU C 189 18.17 -8.33 -43.16
C GLU C 189 16.72 -7.90 -43.16
N LYS C 190 15.83 -8.82 -42.78
CA LYS C 190 14.40 -8.57 -42.84
C LYS C 190 13.96 -7.62 -41.74
N ARG C 191 14.82 -7.34 -40.78
CA ARG C 191 14.50 -6.36 -39.75
C ARG C 191 14.68 -4.94 -40.27
N LEU C 192 15.40 -4.79 -41.39
CA LEU C 192 15.75 -3.45 -41.84
C LEU C 192 14.46 -2.71 -42.21
N MET D 1 53.93 1.16 -8.73
CA MET D 1 53.23 0.06 -9.43
C MET D 1 52.22 -0.53 -8.47
N TYR D 2 51.00 -0.77 -8.97
CA TYR D 2 49.94 -1.33 -8.14
C TYR D 2 50.10 -2.83 -8.12
N GLU D 3 49.89 -3.39 -6.93
CA GLU D 3 50.18 -4.77 -6.60
C GLU D 3 48.86 -5.48 -6.31
N MET D 4 48.81 -6.77 -6.63
CA MET D 4 47.68 -7.58 -6.25
C MET D 4 47.68 -7.68 -4.74
N PRO D 5 46.58 -7.43 -4.03
CA PRO D 5 46.60 -7.59 -2.57
C PRO D 5 46.59 -9.08 -2.26
N LYS D 6 47.35 -9.44 -1.21
CA LYS D 6 47.51 -10.83 -0.86
C LYS D 6 46.24 -11.33 -0.16
N LEU D 7 45.69 -12.48 -0.59
CA LEU D 7 44.53 -13.04 0.07
C LEU D 7 45.00 -13.61 1.39
N PRO D 8 44.26 -13.36 2.49
CA PRO D 8 44.62 -13.99 3.76
C PRO D 8 44.12 -15.41 3.92
N TYR D 9 43.72 -16.07 2.82
CA TYR D 9 43.19 -17.42 2.90
C TYR D 9 43.49 -18.05 1.56
N ALA D 10 43.49 -19.40 1.53
CA ALA D 10 43.69 -20.10 0.27
C ALA D 10 42.45 -19.92 -0.63
N ASN D 11 42.65 -20.11 -1.94
CA ASN D 11 41.62 -19.90 -2.97
C ASN D 11 40.39 -20.77 -2.71
N ASN D 12 40.55 -21.94 -2.08
CA ASN D 12 39.44 -22.87 -1.86
C ASN D 12 38.83 -22.70 -0.48
N ALA D 13 39.28 -21.69 0.29
CA ALA D 13 39.02 -21.70 1.74
C ALA D 13 37.61 -21.25 2.08
N LEU D 14 36.91 -20.60 1.15
CA LEU D 14 35.60 -20.02 1.41
C LEU D 14 34.47 -20.94 0.95
N GLU D 15 34.84 -22.15 0.46
CA GLU D 15 33.84 -23.16 0.14
C GLU D 15 33.05 -23.47 1.42
N PRO D 16 31.74 -23.76 1.33
CA PRO D 16 31.02 -23.80 0.06
C PRO D 16 30.33 -22.50 -0.36
N VAL D 17 30.64 -21.39 0.30
CA VAL D 17 29.95 -20.14 0.02
C VAL D 17 30.39 -19.60 -1.32
N ILE D 18 31.71 -19.57 -1.52
CA ILE D 18 32.31 -19.22 -2.80
C ILE D 18 33.33 -20.29 -3.14
N SER D 19 33.22 -20.83 -4.35
CA SER D 19 34.04 -21.95 -4.78
C SER D 19 35.46 -21.47 -5.08
N GLN D 20 36.39 -22.41 -5.05
CA GLN D 20 37.73 -22.22 -5.53
C GLN D 20 37.73 -21.65 -6.95
N GLN D 21 36.94 -22.24 -7.84
CA GLN D 21 36.87 -21.80 -9.21
C GLN D 21 36.49 -20.30 -9.24
N THR D 22 35.48 -19.89 -8.46
CA THR D 22 35.11 -18.49 -8.46
C THR D 22 36.27 -17.64 -8.00
N ILE D 23 36.98 -18.05 -6.96
CA ILE D 23 38.10 -17.24 -6.50
C ILE D 23 39.19 -17.20 -7.57
N ASP D 24 39.51 -18.35 -8.14
CA ASP D 24 40.51 -18.41 -9.20
C ASP D 24 40.20 -17.40 -10.30
N TYR D 25 38.93 -17.33 -10.75
CA TYR D 25 38.58 -16.38 -11.80
C TYR D 25 38.43 -14.96 -11.23
N HIS D 26 37.65 -14.83 -10.14
CA HIS D 26 37.28 -13.52 -9.65
C HIS D 26 38.53 -12.73 -9.23
N TYR D 27 39.38 -13.37 -8.41
CA TYR D 27 40.59 -12.73 -7.91
C TYR D 27 41.69 -12.90 -8.94
N GLY D 28 41.91 -14.15 -9.38
CA GLY D 28 43.09 -14.44 -10.19
C GLY D 28 43.01 -13.88 -11.61
N LYS D 29 41.80 -13.60 -12.15
CA LYS D 29 41.68 -13.08 -13.50
C LYS D 29 41.07 -11.68 -13.52
N HIS D 30 39.85 -11.52 -13.02
CA HIS D 30 39.18 -10.21 -13.05
C HIS D 30 39.98 -9.15 -12.31
N LEU D 31 40.39 -9.43 -11.06
CA LEU D 31 41.09 -8.40 -10.29
C LEU D 31 42.46 -8.14 -10.93
N GLN D 32 43.13 -9.22 -11.36
CA GLN D 32 44.41 -9.12 -12.02
C GLN D 32 44.29 -8.17 -13.20
N THR D 33 43.23 -8.30 -14.01
CA THR D 33 43.04 -7.45 -15.18
C THR D 33 42.88 -6.00 -14.73
N TYR D 34 42.07 -5.77 -13.70
CA TYR D 34 41.84 -4.40 -13.29
C TYR D 34 43.17 -3.77 -12.83
N VAL D 35 43.97 -4.54 -12.09
CA VAL D 35 45.25 -4.05 -11.64
C VAL D 35 46.20 -3.78 -12.81
N ASN D 36 46.33 -4.76 -13.72
CA ASN D 36 47.10 -4.57 -14.94
C ASN D 36 46.64 -3.31 -15.68
N ASN D 37 45.33 -3.10 -15.81
CA ASN D 37 44.83 -1.94 -16.53
C ASN D 37 45.27 -0.65 -15.82
N LEU D 38 45.22 -0.64 -14.49
CA LEU D 38 45.65 0.55 -13.76
C LEU D 38 47.13 0.80 -13.98
N ASN D 39 47.95 -0.24 -13.97
CA ASN D 39 49.39 -0.11 -14.21
C ASN D 39 49.66 0.36 -15.64
N SER D 40 48.79 0.03 -16.58
CA SER D 40 48.93 0.46 -17.97
C SER D 40 48.47 1.91 -18.14
N LEU D 41 47.43 2.33 -17.46
CA LEU D 41 46.80 3.61 -17.77
C LEU D 41 47.38 4.78 -16.96
N VAL D 42 47.90 4.52 -15.76
CA VAL D 42 48.20 5.58 -14.80
C VAL D 42 49.54 6.25 -15.10
N PRO D 43 50.62 5.52 -15.47
CA PRO D 43 51.92 6.14 -15.74
C PRO D 43 51.77 7.35 -16.67
N GLY D 44 52.40 8.47 -16.26
CA GLY D 44 52.43 9.67 -17.07
C GLY D 44 51.18 10.52 -16.94
N THR D 45 50.26 10.17 -16.02
CA THR D 45 49.08 10.99 -15.77
C THR D 45 49.25 11.65 -14.41
N GLU D 46 48.31 12.53 -14.09
CA GLU D 46 48.31 13.20 -12.80
C GLU D 46 48.08 12.18 -11.67
N TYR D 47 47.65 10.95 -12.01
CA TYR D 47 47.34 9.96 -10.99
C TYR D 47 48.58 9.17 -10.60
N GLU D 48 49.69 9.39 -11.31
CA GLU D 48 50.88 8.60 -11.06
C GLU D 48 51.33 8.79 -9.61
N GLY D 49 51.69 7.69 -8.93
CA GLY D 49 52.15 7.75 -7.55
C GLY D 49 51.01 7.88 -6.52
N LYS D 50 49.75 8.07 -6.94
CA LYS D 50 48.63 8.11 -6.02
C LYS D 50 48.16 6.70 -5.67
N THR D 51 47.56 6.57 -4.49
CA THR D 51 46.93 5.32 -4.06
C THR D 51 45.66 5.08 -4.87
N VAL D 52 45.25 3.80 -4.90
CA VAL D 52 44.02 3.44 -5.57
C VAL D 52 42.88 4.27 -4.99
N GLU D 53 42.82 4.34 -3.65
CA GLU D 53 41.74 5.02 -2.97
C GLU D 53 41.68 6.48 -3.45
N ALA D 54 42.86 7.12 -3.54
CA ALA D 54 42.89 8.53 -3.91
C ALA D 54 42.43 8.72 -5.35
N ILE D 55 42.73 7.74 -6.21
CA ILE D 55 42.27 7.80 -7.59
C ILE D 55 40.76 7.72 -7.63
N VAL D 56 40.21 6.75 -6.91
CA VAL D 56 38.75 6.62 -6.86
C VAL D 56 38.10 7.91 -6.36
N ALA D 57 38.74 8.56 -5.39
CA ALA D 57 38.21 9.79 -4.81
C ALA D 57 38.26 10.98 -5.80
N SER D 58 39.21 10.94 -6.75
CA SER D 58 39.47 12.14 -7.55
C SER D 58 39.12 11.98 -9.03
N ALA D 59 39.22 10.79 -9.61
CA ALA D 59 39.16 10.68 -11.07
C ALA D 59 37.75 10.93 -11.59
N PRO D 60 37.61 11.57 -12.76
CA PRO D 60 36.32 11.64 -13.42
C PRO D 60 35.98 10.29 -14.06
N ASP D 61 34.77 10.21 -14.60
CA ASP D 61 34.26 9.02 -15.27
C ASP D 61 35.24 8.69 -16.38
N GLY D 62 35.51 7.42 -16.59
CA GLY D 62 36.43 6.98 -17.61
C GLY D 62 37.10 5.70 -17.17
N ALA D 63 38.11 5.29 -17.96
CA ALA D 63 38.71 3.97 -17.82
C ALA D 63 39.55 3.94 -16.54
N ILE D 64 40.25 5.02 -16.22
CA ILE D 64 41.04 5.04 -15.01
C ILE D 64 40.12 4.85 -13.79
N PHE D 65 39.03 5.63 -13.75
CA PHE D 65 38.11 5.50 -12.65
C PHE D 65 37.52 4.09 -12.58
N ASN D 66 37.11 3.56 -13.74
CA ASN D 66 36.48 2.26 -13.80
C ASN D 66 37.42 1.21 -13.17
N ASN D 67 38.69 1.27 -13.56
CA ASN D 67 39.62 0.26 -13.13
C ASN D 67 40.01 0.45 -11.66
N ALA D 68 40.27 1.70 -11.27
CA ALA D 68 40.62 1.98 -9.89
C ALA D 68 39.47 1.57 -8.97
N GLY D 69 38.25 1.99 -9.32
CA GLY D 69 37.09 1.63 -8.54
C GLY D 69 36.99 0.12 -8.33
N GLN D 70 37.24 -0.64 -9.40
CA GLN D 70 37.10 -2.08 -9.33
C GLN D 70 38.26 -2.67 -8.50
N VAL D 71 39.43 -2.07 -8.58
CA VAL D 71 40.53 -2.54 -7.76
C VAL D 71 40.20 -2.34 -6.29
N LEU D 72 39.74 -1.15 -5.97
CA LEU D 72 39.39 -0.84 -4.59
C LEU D 72 38.25 -1.74 -4.09
N ASN D 73 37.16 -1.83 -4.88
CA ASN D 73 36.03 -2.65 -4.54
C ASN D 73 36.49 -4.09 -4.24
N HIS D 74 37.28 -4.69 -5.12
CA HIS D 74 37.63 -6.09 -4.99
C HIS D 74 38.62 -6.28 -3.83
N THR D 75 39.45 -5.28 -3.61
CA THR D 75 40.42 -5.37 -2.52
C THR D 75 39.67 -5.47 -1.19
N LEU D 76 38.75 -4.55 -0.95
CA LEU D 76 38.00 -4.52 0.30
C LEU D 76 37.09 -5.75 0.41
N TYR D 77 36.51 -6.14 -0.72
CA TYR D 77 35.67 -7.34 -0.80
C TYR D 77 36.44 -8.57 -0.33
N PHE D 78 37.55 -8.90 -0.98
CA PHE D 78 38.22 -10.14 -0.64
C PHE D 78 38.77 -10.09 0.78
N LEU D 79 39.22 -8.92 1.23
CA LEU D 79 39.85 -8.80 2.56
C LEU D 79 38.79 -8.76 3.67
N GLN D 80 37.49 -8.69 3.35
CA GLN D 80 36.50 -8.64 4.40
C GLN D 80 36.04 -10.06 4.78
N PHE D 81 36.56 -11.08 4.11
CA PHE D 81 36.08 -12.46 4.32
C PHE D 81 37.09 -13.26 5.14
N ALA D 82 36.59 -14.32 5.79
CA ALA D 82 37.47 -15.31 6.38
C ALA D 82 36.77 -16.66 6.32
N PRO D 83 37.54 -17.78 6.22
CA PRO D 83 36.95 -19.11 6.23
C PRO D 83 36.07 -19.39 7.45
N LYS D 84 36.50 -18.94 8.64
CA LYS D 84 35.79 -19.22 9.88
C LYS D 84 35.82 -17.94 10.73
N PRO D 85 34.95 -16.95 10.45
CA PRO D 85 34.99 -15.71 11.19
C PRO D 85 34.88 -15.97 12.67
N ALA D 86 35.65 -15.22 13.47
CA ALA D 86 35.58 -15.28 14.93
C ALA D 86 34.23 -14.78 15.42
N LYS D 87 33.69 -13.72 14.79
CA LYS D 87 32.36 -13.23 15.12
C LYS D 87 31.44 -13.43 13.94
N ASN D 88 30.18 -13.79 14.21
CA ASN D 88 29.20 -13.86 13.13
C ASN D 88 28.32 -12.62 13.08
N GLU D 89 28.61 -11.63 13.93
CA GLU D 89 27.89 -10.36 13.81
C GLU D 89 28.75 -9.28 14.44
N PRO D 90 28.55 -8.00 14.08
CA PRO D 90 29.38 -6.92 14.57
C PRO D 90 29.07 -6.54 16.02
N ALA D 91 30.08 -6.10 16.73
CA ALA D 91 29.94 -5.70 18.12
C ALA D 91 30.58 -4.35 18.26
N GLY D 92 30.73 -3.88 19.51
CA GLY D 92 31.43 -2.64 19.77
C GLY D 92 30.76 -1.47 19.05
N LYS D 93 31.55 -0.50 18.61
CA LYS D 93 31.02 0.72 18.02
C LYS D 93 30.19 0.42 16.78
N LEU D 94 30.68 -0.51 15.95
CA LEU D 94 29.95 -0.80 14.71
C LEU D 94 28.59 -1.42 15.04
N GLY D 95 28.58 -2.36 15.98
CA GLY D 95 27.34 -2.96 16.47
C GLY D 95 26.35 -1.92 16.96
N GLU D 96 26.82 -0.90 17.70
CA GLU D 96 25.93 0.14 18.23
C GLU D 96 25.47 1.01 17.09
N ALA D 97 26.39 1.38 16.17
CA ALA D 97 26.00 2.25 15.06
C ALA D 97 24.92 1.57 14.21
N ILE D 98 25.03 0.24 14.05
CA ILE D 98 24.04 -0.49 13.25
C ILE D 98 22.68 -0.48 13.95
N LYS D 99 22.69 -0.63 15.27
CA LYS D 99 21.44 -0.58 16.03
C LYS D 99 20.84 0.81 15.89
N ARG D 100 21.68 1.83 16.00
CA ARG D 100 21.24 3.22 15.94
C ARG D 100 20.63 3.51 14.56
N ASP D 101 21.30 3.10 13.49
CA ASP D 101 20.97 3.60 12.15
C ASP D 101 19.97 2.68 11.46
N PHE D 102 19.86 1.42 11.89
CA PHE D 102 19.01 0.46 11.19
C PHE D 102 18.04 -0.23 12.15
N GLY D 103 17.99 0.19 13.41
CA GLY D 103 17.13 -0.45 14.39
C GLY D 103 17.75 -1.71 15.00
N SER D 104 18.23 -2.63 14.16
CA SER D 104 18.90 -3.84 14.63
C SER D 104 19.79 -4.41 13.53
N PHE D 105 20.67 -5.32 13.91
CA PHE D 105 21.48 -6.03 12.94
C PHE D 105 20.58 -6.77 11.94
N GLU D 106 19.50 -7.41 12.42
CA GLU D 106 18.64 -8.20 11.57
C GLU D 106 17.99 -7.32 10.51
N ASN D 107 17.58 -6.12 10.91
CA ASN D 107 16.96 -5.21 9.97
C ASN D 107 18.03 -4.66 9.01
N PHE D 108 19.23 -4.40 9.52
CA PHE D 108 20.32 -4.02 8.63
C PHE D 108 20.52 -5.11 7.56
N LYS D 109 20.59 -6.39 7.95
CA LYS D 109 20.81 -7.46 6.97
C LYS D 109 19.72 -7.43 5.91
N LYS D 110 18.47 -7.21 6.35
CA LYS D 110 17.34 -7.21 5.45
C LYS D 110 17.49 -6.09 4.41
N GLU D 111 17.89 -4.89 4.86
CA GLU D 111 18.02 -3.75 3.96
C GLU D 111 19.23 -3.93 3.04
N PHE D 112 20.28 -4.54 3.57
CA PHE D 112 21.50 -4.81 2.80
C PHE D 112 21.21 -5.83 1.71
N ASN D 113 20.50 -6.90 2.08
CA ASN D 113 20.06 -7.91 1.13
C ASN D 113 19.20 -7.28 0.04
N ALA D 114 18.27 -6.40 0.42
CA ALA D 114 17.36 -5.80 -0.56
C ALA D 114 18.14 -4.91 -1.52
N ALA D 115 19.11 -4.16 -1.02
CA ALA D 115 19.93 -3.35 -1.91
C ALA D 115 20.72 -4.26 -2.85
N SER D 116 21.25 -5.38 -2.33
CA SER D 116 22.06 -6.29 -3.11
C SER D 116 21.21 -6.90 -4.23
N VAL D 117 20.03 -7.40 -3.86
CA VAL D 117 19.18 -8.12 -4.79
C VAL D 117 18.55 -7.14 -5.76
N GLY D 118 18.28 -5.90 -5.31
CA GLY D 118 17.56 -4.93 -6.12
C GLY D 118 18.45 -4.17 -7.10
N LEU D 119 19.76 -4.31 -7.03
CA LEU D 119 20.62 -3.55 -7.92
C LEU D 119 20.59 -4.22 -9.31
N PHE D 120 20.07 -3.50 -10.29
CA PHE D 120 19.85 -4.01 -11.63
C PHE D 120 21.14 -3.84 -12.44
N GLY D 121 21.59 -4.93 -13.10
CA GLY D 121 22.87 -4.88 -13.80
C GLY D 121 24.05 -5.19 -12.87
N SER D 122 25.20 -4.58 -13.20
CA SER D 122 26.45 -4.79 -12.50
C SER D 122 26.62 -3.70 -11.44
N GLY D 123 27.16 -4.07 -10.28
CA GLY D 123 27.48 -3.08 -9.28
C GLY D 123 27.78 -3.71 -7.93
N TRP D 124 27.77 -2.84 -6.89
CA TRP D 124 28.14 -3.18 -5.52
C TRP D 124 27.12 -2.60 -4.56
N ALA D 125 26.59 -3.43 -3.65
CA ALA D 125 25.92 -2.91 -2.48
C ALA D 125 26.99 -2.62 -1.40
N TRP D 126 26.91 -1.41 -0.83
CA TRP D 126 27.90 -0.94 0.12
C TRP D 126 27.26 -0.44 1.41
N LEU D 127 27.87 -0.87 2.51
CA LEU D 127 27.73 -0.20 3.79
C LEU D 127 28.95 0.68 4.00
N SER D 128 28.67 1.95 4.32
CA SER D 128 29.73 2.96 4.50
C SER D 128 29.41 3.82 5.72
N VAL D 129 30.39 4.60 6.17
CA VAL D 129 30.19 5.56 7.24
C VAL D 129 30.57 6.94 6.72
N ASP D 130 29.73 7.95 7.04
CA ASP D 130 30.04 9.34 6.67
C ASP D 130 30.89 9.94 7.78
N LYS D 131 31.34 11.18 7.58
CA LYS D 131 32.28 11.84 8.49
C LYS D 131 31.63 12.18 9.83
N ASP D 132 30.30 12.14 9.96
CA ASP D 132 29.68 12.35 11.25
C ASP D 132 29.44 11.04 11.99
N GLY D 133 29.91 9.91 11.44
CA GLY D 133 29.76 8.63 12.09
C GLY D 133 28.48 7.91 11.76
N LYS D 134 27.70 8.43 10.79
CA LYS D 134 26.45 7.81 10.38
C LYS D 134 26.67 6.82 9.25
N LEU D 135 25.90 5.72 9.30
CA LEU D 135 26.04 4.61 8.36
C LEU D 135 25.09 4.80 7.18
N HIS D 136 25.51 4.34 6.01
CA HIS D 136 24.65 4.38 4.84
C HIS D 136 24.79 3.09 4.02
N ILE D 137 23.68 2.66 3.43
CA ILE D 137 23.72 1.60 2.44
C ILE D 137 23.52 2.26 1.08
N THR D 138 24.46 2.02 0.15
CA THR D 138 24.30 2.55 -1.19
C THR D 138 24.40 1.42 -2.22
N LYS D 139 23.82 1.69 -3.39
CA LYS D 139 24.01 0.87 -4.58
C LYS D 139 24.96 1.60 -5.51
N GLU D 140 26.14 1.04 -5.72
CA GLU D 140 27.15 1.66 -6.55
C GLU D 140 27.12 0.94 -7.89
N PRO D 141 26.78 1.62 -9.01
CA PRO D 141 26.76 0.94 -10.31
C PRO D 141 28.18 0.63 -10.78
N ASN D 142 28.32 -0.51 -11.42
CA ASN D 142 29.51 -0.85 -12.17
C ASN D 142 30.72 -0.82 -11.25
N GLY D 143 31.68 0.10 -11.49
CA GLY D 143 32.95 0.12 -10.78
C GLY D 143 33.00 1.18 -9.69
N SER D 144 31.87 1.84 -9.47
CA SER D 144 31.80 2.91 -8.50
C SER D 144 32.00 2.37 -7.07
N ASN D 145 32.42 3.30 -6.19
CA ASN D 145 32.75 3.01 -4.80
C ASN D 145 32.42 4.23 -3.96
N PRO D 146 31.93 4.07 -2.71
CA PRO D 146 31.46 5.20 -1.89
C PRO D 146 32.49 6.30 -1.59
N VAL D 147 33.78 5.98 -1.75
CA VAL D 147 34.86 6.94 -1.58
C VAL D 147 34.65 8.16 -2.49
N ARG D 148 34.14 7.96 -3.70
CA ARG D 148 33.92 9.07 -4.60
C ARG D 148 32.98 10.08 -3.94
N ALA D 149 31.98 9.62 -3.19
CA ALA D 149 31.02 10.50 -2.54
C ALA D 149 31.51 10.95 -1.15
N GLY D 150 32.77 10.69 -0.80
CA GLY D 150 33.29 11.11 0.49
C GLY D 150 32.89 10.17 1.65
N LEU D 151 32.40 8.95 1.36
CA LEU D 151 32.06 8.01 2.43
C LEU D 151 33.20 7.01 2.63
N LYS D 152 33.31 6.43 3.81
CA LYS D 152 34.34 5.44 4.10
C LYS D 152 33.72 4.05 4.01
N PRO D 153 34.18 3.22 3.06
CA PRO D 153 33.52 1.94 2.79
C PRO D 153 33.87 0.86 3.82
N LEU D 154 32.86 0.16 4.31
CA LEU D 154 33.04 -0.82 5.37
C LEU D 154 32.77 -2.26 4.89
N LEU D 155 31.65 -2.48 4.16
CA LEU D 155 31.26 -3.83 3.80
C LEU D 155 30.55 -3.82 2.45
N THR D 156 30.83 -4.81 1.59
CA THR D 156 30.20 -4.80 0.27
C THR D 156 29.77 -6.21 -0.15
N CYS D 157 28.79 -6.22 -1.04
CA CYS D 157 28.45 -7.38 -1.85
C CYS D 157 28.61 -7.05 -3.33
N ASP D 158 29.48 -7.81 -4.01
CA ASP D 158 29.68 -7.67 -5.45
C ASP D 158 28.55 -8.39 -6.15
N VAL D 159 27.71 -7.67 -6.90
CA VAL D 159 26.60 -8.32 -7.61
C VAL D 159 26.82 -8.33 -9.12
N TRP D 160 28.04 -8.03 -9.58
CA TRP D 160 28.47 -8.47 -10.90
C TRP D 160 28.23 -9.98 -10.93
N GLU D 161 27.70 -10.47 -12.04
CA GLU D 161 27.37 -11.87 -12.13
C GLU D 161 28.60 -12.79 -11.96
N HIS D 162 29.78 -12.37 -12.42
CA HIS D 162 30.98 -13.17 -12.26
C HIS D 162 31.22 -13.55 -10.80
N ALA D 163 30.66 -12.77 -9.87
CA ALA D 163 30.92 -13.00 -8.45
C ALA D 163 30.22 -14.27 -7.96
N TYR D 164 29.12 -14.65 -8.64
CA TYR D 164 28.31 -15.75 -8.18
C TYR D 164 27.86 -16.74 -9.24
N TYR D 165 28.03 -16.41 -10.54
CA TYR D 165 27.31 -17.19 -11.53
C TYR D 165 27.79 -18.65 -11.59
N LEU D 166 29.10 -18.90 -11.38
CA LEU D 166 29.60 -20.28 -11.50
C LEU D 166 29.04 -21.13 -10.37
N ASP D 167 28.69 -20.50 -9.23
CA ASP D 167 28.29 -21.23 -8.04
C ASP D 167 26.76 -21.22 -7.84
N TYR D 168 26.05 -20.18 -8.29
CA TYR D 168 24.63 -19.99 -7.99
C TYR D 168 23.82 -19.71 -9.25
N GLN D 169 24.48 -19.58 -10.40
CA GLN D 169 23.88 -19.08 -11.64
C GLN D 169 23.05 -17.84 -11.35
N ASN D 170 21.78 -17.85 -11.77
CA ASN D 170 20.95 -16.66 -11.65
C ASN D 170 20.45 -16.43 -10.23
N ARG D 171 20.80 -17.29 -9.27
CA ARG D 171 20.15 -17.18 -7.96
C ARG D 171 20.97 -16.24 -7.06
N ARG D 172 20.97 -14.94 -7.42
CA ARG D 172 21.73 -13.97 -6.70
C ARG D 172 21.34 -13.93 -5.22
N ALA D 173 20.03 -13.95 -4.93
CA ALA D 173 19.55 -13.86 -3.56
C ALA D 173 20.16 -14.99 -2.70
N ASP D 174 20.29 -16.18 -3.26
CA ASP D 174 20.82 -17.28 -2.49
C ASP D 174 22.29 -17.02 -2.13
N HIS D 175 23.04 -16.45 -3.09
CA HIS D 175 24.43 -16.12 -2.88
C HIS D 175 24.54 -15.09 -1.77
N VAL D 176 23.75 -14.03 -1.87
CA VAL D 176 23.75 -12.96 -0.88
C VAL D 176 23.48 -13.52 0.50
N ASN D 177 22.47 -14.38 0.65
CA ASN D 177 22.16 -14.99 1.95
C ASN D 177 23.34 -15.78 2.54
N LYS D 178 24.09 -16.50 1.69
CA LYS D 178 25.21 -17.31 2.15
C LYS D 178 26.44 -16.47 2.51
N LEU D 179 26.61 -15.29 1.90
CA LEU D 179 27.78 -14.45 2.13
C LEU D 179 28.00 -14.09 3.58
N TRP D 180 26.88 -13.84 4.29
CA TRP D 180 26.92 -13.47 5.70
C TRP D 180 27.79 -14.45 6.51
N GLU D 181 27.88 -15.71 6.09
CA GLU D 181 28.56 -16.75 6.84
C GLU D 181 30.07 -16.61 6.75
N ILE D 182 30.61 -15.79 5.82
CA ILE D 182 32.06 -15.66 5.72
C ILE D 182 32.53 -14.21 5.95
N ILE D 183 31.65 -13.36 6.46
CA ILE D 183 32.03 -11.98 6.76
C ILE D 183 32.90 -11.99 8.01
N ASP D 184 34.11 -11.43 7.91
CA ASP D 184 35.02 -11.32 9.02
C ASP D 184 34.77 -10.00 9.72
N TRP D 185 33.84 -10.00 10.68
CA TRP D 185 33.43 -8.77 11.30
C TRP D 185 34.57 -8.11 12.07
N ASP D 186 35.60 -8.89 12.50
CA ASP D 186 36.73 -8.28 13.19
C ASP D 186 37.40 -7.27 12.25
N VAL D 187 37.52 -7.67 10.97
CA VAL D 187 38.17 -6.80 10.01
C VAL D 187 37.24 -5.62 9.75
N VAL D 188 35.96 -5.90 9.54
CA VAL D 188 35.03 -4.87 9.15
C VAL D 188 34.94 -3.81 10.24
N GLU D 189 34.91 -4.24 11.49
CA GLU D 189 34.78 -3.29 12.60
C GLU D 189 35.95 -2.32 12.62
N LYS D 190 37.14 -2.84 12.27
CA LYS D 190 38.36 -2.05 12.31
C LYS D 190 38.39 -1.04 11.17
N ARG D 191 37.48 -1.16 10.20
CA ARG D 191 37.43 -0.19 9.13
C ARG D 191 36.67 1.06 9.57
N LEU D 192 35.92 0.96 10.66
CA LEU D 192 35.10 2.08 11.09
C LEU D 192 35.98 3.30 11.38
N MET E 1 -24.43 -22.01 -11.93
CA MET E 1 -24.99 -21.87 -10.57
C MET E 1 -23.94 -21.33 -9.57
N TYR E 2 -24.35 -21.14 -8.31
CA TYR E 2 -23.41 -21.06 -7.20
C TYR E 2 -23.02 -22.47 -6.79
N GLU E 3 -21.72 -22.70 -6.59
CA GLU E 3 -21.17 -24.05 -6.44
C GLU E 3 -20.67 -24.22 -4.99
N MET E 4 -20.77 -25.44 -4.47
CA MET E 4 -20.14 -25.76 -3.21
C MET E 4 -18.65 -25.59 -3.38
N PRO E 5 -17.96 -24.90 -2.47
CA PRO E 5 -16.50 -24.86 -2.51
C PRO E 5 -15.94 -26.21 -2.13
N LYS E 6 -14.83 -26.56 -2.72
CA LYS E 6 -14.16 -27.81 -2.42
C LYS E 6 -13.33 -27.61 -1.16
N LEU E 7 -13.42 -28.55 -0.23
CA LEU E 7 -12.60 -28.50 0.97
C LEU E 7 -11.20 -28.93 0.56
N PRO E 8 -10.15 -28.25 1.02
CA PRO E 8 -8.78 -28.69 0.73
C PRO E 8 -8.27 -29.78 1.68
N TYR E 9 -9.14 -30.48 2.38
CA TYR E 9 -8.78 -31.54 3.30
C TYR E 9 -9.98 -32.47 3.37
N ALA E 10 -9.75 -33.70 3.81
CA ALA E 10 -10.81 -34.65 4.03
C ALA E 10 -11.68 -34.19 5.22
N ASN E 11 -12.91 -34.72 5.29
CA ASN E 11 -13.91 -34.32 6.28
C ASN E 11 -13.41 -34.61 7.71
N ASN E 12 -12.57 -35.63 7.86
CA ASN E 12 -12.10 -36.06 9.18
C ASN E 12 -10.72 -35.50 9.49
N ALA E 13 -10.21 -34.64 8.62
CA ALA E 13 -8.79 -34.27 8.71
C ALA E 13 -8.55 -33.23 9.79
N LEU E 14 -9.61 -32.57 10.34
CA LEU E 14 -9.36 -31.56 11.38
C LEU E 14 -9.51 -32.12 12.80
N GLU E 15 -9.77 -33.43 12.92
CA GLU E 15 -9.90 -34.05 14.24
C GLU E 15 -8.62 -33.92 15.02
N PRO E 16 -8.66 -33.72 16.35
CA PRO E 16 -9.90 -33.61 17.12
C PRO E 16 -10.43 -32.19 17.32
N VAL E 17 -9.85 -31.21 16.59
CA VAL E 17 -10.22 -29.83 16.78
C VAL E 17 -11.67 -29.59 16.33
N ILE E 18 -11.98 -30.13 15.15
CA ILE E 18 -13.35 -30.22 14.67
C ILE E 18 -13.53 -31.64 14.16
N SER E 19 -14.58 -32.31 14.63
CA SER E 19 -14.83 -33.70 14.31
C SER E 19 -15.31 -33.84 12.87
N GLN E 20 -15.15 -35.05 12.34
CA GLN E 20 -15.71 -35.46 11.07
C GLN E 20 -17.22 -35.24 11.10
N GLN E 21 -17.89 -35.63 12.19
CA GLN E 21 -19.31 -35.44 12.30
C GLN E 21 -19.66 -33.96 12.09
N THR E 22 -18.94 -33.07 12.77
CA THR E 22 -19.23 -31.65 12.63
C THR E 22 -19.06 -31.22 11.18
N ILE E 23 -17.97 -31.66 10.53
CA ILE E 23 -17.75 -31.24 9.17
C ILE E 23 -18.85 -31.82 8.29
N ASP E 24 -19.17 -33.10 8.47
CA ASP E 24 -20.22 -33.74 7.67
C ASP E 24 -21.51 -32.89 7.69
N TYR E 25 -21.91 -32.46 8.90
CA TYR E 25 -23.14 -31.65 9.00
C TYR E 25 -22.89 -30.20 8.59
N HIS E 26 -21.84 -29.59 9.12
CA HIS E 26 -21.59 -28.16 8.94
C HIS E 26 -21.39 -27.83 7.46
N TYR E 27 -20.51 -28.57 6.79
CA TYR E 27 -20.23 -28.38 5.38
C TYR E 27 -21.27 -29.11 4.55
N GLY E 28 -21.45 -30.40 4.84
CA GLY E 28 -22.23 -31.26 3.97
C GLY E 28 -23.72 -30.96 3.99
N LYS E 29 -24.25 -30.34 5.07
CA LYS E 29 -25.68 -30.07 5.17
C LYS E 29 -25.97 -28.57 5.26
N HIS E 30 -25.40 -27.89 6.28
CA HIS E 30 -25.70 -26.48 6.49
C HIS E 30 -25.27 -25.65 5.26
N LEU E 31 -24.01 -25.82 4.82
CA LEU E 31 -23.52 -25.01 3.73
C LEU E 31 -24.27 -25.37 2.45
N GLN E 32 -24.51 -26.69 2.25
CA GLN E 32 -25.25 -27.16 1.09
C GLN E 32 -26.60 -26.45 1.02
N THR E 33 -27.29 -26.31 2.17
CA THR E 33 -28.59 -25.64 2.20
C THR E 33 -28.44 -24.18 1.77
N TYR E 34 -27.42 -23.52 2.28
CA TYR E 34 -27.26 -22.11 1.96
C TYR E 34 -27.04 -21.93 0.45
N VAL E 35 -26.20 -22.80 -0.11
CA VAL E 35 -25.92 -22.75 -1.54
C VAL E 35 -27.19 -23.06 -2.35
N ASN E 36 -27.88 -24.16 -2.00
CA ASN E 36 -29.15 -24.49 -2.62
C ASN E 36 -30.11 -23.31 -2.56
N ASN E 37 -30.21 -22.66 -1.42
CA ASN E 37 -31.13 -21.53 -1.28
C ASN E 37 -30.75 -20.41 -2.24
N LEU E 38 -29.46 -20.15 -2.38
CA LEU E 38 -29.03 -19.08 -3.29
C LEU E 38 -29.41 -19.43 -4.72
N ASN E 39 -29.22 -20.69 -5.12
CA ASN E 39 -29.56 -21.12 -6.46
C ASN E 39 -31.08 -21.09 -6.70
N SER E 40 -31.88 -21.25 -5.62
CA SER E 40 -33.31 -21.17 -5.68
C SER E 40 -33.81 -19.74 -5.74
N LEU E 41 -33.15 -18.81 -5.06
CA LEU E 41 -33.76 -17.51 -4.86
C LEU E 41 -33.24 -16.46 -5.84
N VAL E 42 -32.01 -16.60 -6.33
CA VAL E 42 -31.33 -15.46 -6.97
C VAL E 42 -31.75 -15.33 -8.43
N PRO E 43 -31.80 -16.45 -9.23
CA PRO E 43 -32.19 -16.30 -10.63
C PRO E 43 -33.54 -15.60 -10.72
N GLY E 44 -33.69 -14.65 -11.62
CA GLY E 44 -34.97 -13.94 -11.76
C GLY E 44 -35.04 -12.68 -10.91
N THR E 45 -33.97 -12.35 -10.17
CA THR E 45 -33.92 -11.11 -9.41
C THR E 45 -32.84 -10.19 -10.00
N GLU E 46 -32.75 -9.00 -9.42
CA GLU E 46 -31.71 -8.05 -9.78
C GLU E 46 -30.32 -8.59 -9.46
N TYR E 47 -30.23 -9.65 -8.64
CA TYR E 47 -28.94 -10.17 -8.22
C TYR E 47 -28.43 -11.24 -9.18
N GLU E 48 -29.23 -11.58 -10.18
CA GLU E 48 -28.89 -12.71 -11.05
C GLU E 48 -27.54 -12.39 -11.75
N GLY E 49 -26.67 -13.39 -11.83
CA GLY E 49 -25.37 -13.26 -12.44
C GLY E 49 -24.32 -12.64 -11.52
N LYS E 50 -24.68 -12.12 -10.33
CA LYS E 50 -23.69 -11.51 -9.45
C LYS E 50 -22.98 -12.55 -8.60
N THR E 51 -21.74 -12.23 -8.18
CA THR E 51 -20.99 -13.09 -7.27
C THR E 51 -21.62 -13.02 -5.88
N VAL E 52 -21.30 -14.05 -5.08
CA VAL E 52 -21.71 -14.06 -3.70
C VAL E 52 -21.27 -12.76 -3.02
N GLU E 53 -20.01 -12.40 -3.19
CA GLU E 53 -19.44 -11.21 -2.55
C GLU E 53 -20.29 -9.99 -2.90
N ALA E 54 -20.65 -9.85 -4.20
CA ALA E 54 -21.35 -8.65 -4.64
C ALA E 54 -22.75 -8.61 -4.03
N ILE E 55 -23.36 -9.81 -3.85
CA ILE E 55 -24.67 -9.86 -3.21
C ILE E 55 -24.54 -9.42 -1.77
N VAL E 56 -23.55 -9.95 -1.07
CA VAL E 56 -23.36 -9.56 0.33
C VAL E 56 -23.13 -8.06 0.45
N ALA E 57 -22.39 -7.48 -0.51
CA ALA E 57 -22.11 -6.05 -0.50
C ALA E 57 -23.36 -5.20 -0.77
N SER E 58 -24.35 -5.76 -1.49
CA SER E 58 -25.43 -4.92 -1.98
C SER E 58 -26.78 -5.23 -1.33
N ALA E 59 -27.08 -6.49 -0.99
CA ALA E 59 -28.46 -6.84 -0.70
C ALA E 59 -28.87 -6.31 0.67
N PRO E 60 -30.14 -5.86 0.81
CA PRO E 60 -30.64 -5.46 2.12
C PRO E 60 -30.95 -6.72 2.93
N ASP E 61 -31.34 -6.48 4.20
CA ASP E 61 -31.71 -7.55 5.10
C ASP E 61 -32.80 -8.37 4.46
N GLY E 62 -32.71 -9.69 4.61
CA GLY E 62 -33.66 -10.56 3.97
C GLY E 62 -32.97 -11.87 3.60
N ALA E 63 -33.73 -12.71 2.88
CA ALA E 63 -33.40 -14.10 2.71
C ALA E 63 -32.18 -14.23 1.78
N ILE E 64 -32.14 -13.39 0.74
CA ILE E 64 -31.04 -13.49 -0.19
C ILE E 64 -29.76 -13.11 0.54
N PHE E 65 -29.80 -12.00 1.29
CA PHE E 65 -28.63 -11.59 2.05
C PHE E 65 -28.22 -12.69 3.04
N ASN E 66 -29.20 -13.24 3.77
CA ASN E 66 -28.93 -14.24 4.79
C ASN E 66 -28.16 -15.40 4.18
N ASN E 67 -28.63 -15.85 3.02
CA ASN E 67 -28.03 -17.03 2.41
C ASN E 67 -26.67 -16.69 1.79
N ALA E 68 -26.57 -15.55 1.10
CA ALA E 68 -25.30 -15.15 0.50
C ALA E 68 -24.25 -14.96 1.58
N GLY E 69 -24.63 -14.23 2.64
CA GLY E 69 -23.70 -14.01 3.74
C GLY E 69 -23.19 -15.33 4.32
N GLN E 70 -24.09 -16.31 4.46
CA GLN E 70 -23.70 -17.57 5.06
C GLN E 70 -22.83 -18.36 4.08
N VAL E 71 -23.12 -18.25 2.77
CA VAL E 71 -22.25 -18.91 1.80
C VAL E 71 -20.85 -18.35 1.87
N LEU E 72 -20.76 -17.02 1.90
CA LEU E 72 -19.45 -16.38 1.92
C LEU E 72 -18.71 -16.72 3.22
N ASN E 73 -19.41 -16.53 4.35
CA ASN E 73 -18.84 -16.82 5.67
C ASN E 73 -18.25 -18.24 5.70
N HIS E 74 -19.05 -19.23 5.28
CA HIS E 74 -18.63 -20.61 5.44
C HIS E 74 -17.53 -20.94 4.45
N THR E 75 -17.58 -20.30 3.27
CA THR E 75 -16.57 -20.57 2.26
C THR E 75 -15.19 -20.18 2.82
N LEU E 76 -15.08 -18.94 3.31
CA LEU E 76 -13.82 -18.45 3.86
C LEU E 76 -13.40 -19.23 5.10
N TYR E 77 -14.39 -19.57 5.94
CA TYR E 77 -14.18 -20.37 7.12
C TYR E 77 -13.53 -21.69 6.80
N PHE E 78 -14.17 -22.51 5.95
CA PHE E 78 -13.63 -23.85 5.78
C PHE E 78 -12.28 -23.80 5.06
N LEU E 79 -12.13 -22.83 4.14
CA LEU E 79 -10.91 -22.79 3.33
C LEU E 79 -9.76 -22.17 4.11
N GLN E 80 -9.99 -21.61 5.31
CA GLN E 80 -8.90 -21.00 6.06
C GLN E 80 -8.16 -22.04 6.93
N PHE E 81 -8.65 -23.29 6.95
CA PHE E 81 -8.10 -24.28 7.85
C PHE E 81 -7.16 -25.24 7.10
N ALA E 82 -6.22 -25.83 7.82
CA ALA E 82 -5.46 -26.97 7.32
C ALA E 82 -5.15 -27.89 8.48
N PRO E 83 -5.07 -29.20 8.25
CA PRO E 83 -4.74 -30.14 9.31
C PRO E 83 -3.43 -29.85 10.04
N LYS E 84 -2.41 -29.43 9.27
CA LYS E 84 -1.08 -29.22 9.84
C LYS E 84 -0.50 -27.95 9.25
N PRO E 85 -0.91 -26.76 9.75
CA PRO E 85 -0.33 -25.53 9.22
C PRO E 85 1.18 -25.57 9.43
N ALA E 86 1.93 -25.06 8.44
CA ALA E 86 3.38 -24.97 8.52
C ALA E 86 3.81 -23.99 9.62
N LYS E 87 3.09 -22.88 9.78
CA LYS E 87 3.32 -21.95 10.88
C LYS E 87 2.04 -21.81 11.68
N ASN E 88 2.20 -21.53 12.98
CA ASN E 88 1.06 -21.29 13.85
C ASN E 88 0.88 -19.79 14.12
N GLU E 89 1.55 -18.93 13.35
CA GLU E 89 1.23 -17.52 13.41
C GLU E 89 1.57 -16.86 12.08
N PRO E 90 0.99 -15.68 11.82
CA PRO E 90 1.20 -15.01 10.54
C PRO E 90 2.55 -14.34 10.47
N ALA E 91 3.08 -14.25 9.25
CA ALA E 91 4.31 -13.52 8.97
C ALA E 91 4.02 -12.43 7.95
N GLY E 92 5.09 -11.88 7.37
CA GLY E 92 4.93 -10.93 6.28
C GLY E 92 4.14 -9.70 6.77
N LYS E 93 3.43 -9.11 5.82
CA LYS E 93 2.68 -7.88 6.03
C LYS E 93 1.62 -8.09 7.12
N LEU E 94 0.97 -9.26 7.09
CA LEU E 94 -0.11 -9.53 8.04
C LEU E 94 0.47 -9.57 9.45
N GLY E 95 1.58 -10.29 9.62
CA GLY E 95 2.28 -10.33 10.90
C GLY E 95 2.61 -8.94 11.43
N GLU E 96 3.09 -8.04 10.55
CA GLU E 96 3.44 -6.69 10.96
C GLU E 96 2.18 -5.90 11.30
N ALA E 97 1.14 -6.03 10.47
CA ALA E 97 -0.10 -5.29 10.73
C ALA E 97 -0.70 -5.72 12.07
N ILE E 98 -0.60 -7.00 12.41
CA ILE E 98 -1.15 -7.49 13.67
C ILE E 98 -0.38 -6.90 14.86
N LYS E 99 0.96 -6.82 14.73
CA LYS E 99 1.77 -6.20 15.76
C LYS E 99 1.35 -4.73 15.90
N ARG E 100 1.20 -4.04 14.76
CA ARG E 100 0.87 -2.64 14.73
C ARG E 100 -0.50 -2.41 15.39
N ASP E 101 -1.51 -3.21 15.06
CA ASP E 101 -2.89 -2.87 15.40
C ASP E 101 -3.31 -3.50 16.73
N PHE E 102 -2.61 -4.55 17.18
CA PHE E 102 -3.03 -5.24 18.39
C PHE E 102 -1.89 -5.36 19.40
N GLY E 103 -0.74 -4.72 19.12
CA GLY E 103 0.41 -4.85 20.00
C GLY E 103 1.21 -6.12 19.74
N SER E 104 0.54 -7.29 19.67
CA SER E 104 1.20 -8.54 19.41
C SER E 104 0.20 -9.57 18.93
N PHE E 105 0.72 -10.67 18.37
CA PHE E 105 -0.13 -11.77 17.98
C PHE E 105 -0.90 -12.31 19.18
N GLU E 106 -0.22 -12.43 20.35
CA GLU E 106 -0.85 -13.01 21.53
C GLU E 106 -2.03 -12.15 21.97
N ASN E 107 -1.86 -10.84 21.91
CA ASN E 107 -2.92 -9.96 22.31
C ASN E 107 -4.04 -9.98 21.26
N PHE E 108 -3.67 -10.08 19.99
CA PHE E 108 -4.67 -10.25 18.94
C PHE E 108 -5.54 -11.47 19.27
N LYS E 109 -4.90 -12.61 19.58
CA LYS E 109 -5.66 -13.82 19.87
C LYS E 109 -6.65 -13.58 21.01
N LYS E 110 -6.19 -12.88 22.03
CA LYS E 110 -6.99 -12.63 23.22
C LYS E 110 -8.22 -11.79 22.85
N GLU E 111 -8.05 -10.75 22.02
CA GLU E 111 -9.17 -9.89 21.65
C GLU E 111 -10.13 -10.62 20.71
N PHE E 112 -9.57 -11.48 19.84
CA PHE E 112 -10.37 -12.26 18.92
C PHE E 112 -11.24 -13.27 19.69
N ASN E 113 -10.61 -13.96 20.67
CA ASN E 113 -11.30 -14.89 21.52
C ASN E 113 -12.42 -14.19 22.27
N ALA E 114 -12.15 -12.99 22.81
CA ALA E 114 -13.14 -12.28 23.58
C ALA E 114 -14.33 -11.88 22.70
N ALA E 115 -14.06 -11.44 21.47
CA ALA E 115 -15.15 -11.11 20.57
C ALA E 115 -15.95 -12.37 20.24
N SER E 116 -15.27 -13.50 20.04
CA SER E 116 -15.92 -14.75 19.72
C SER E 116 -16.83 -15.18 20.88
N VAL E 117 -16.30 -15.14 22.10
CA VAL E 117 -17.03 -15.64 23.25
C VAL E 117 -18.14 -14.66 23.61
N GLY E 118 -17.93 -13.36 23.38
CA GLY E 118 -18.90 -12.36 23.83
C GLY E 118 -20.07 -12.14 22.84
N LEU E 119 -20.05 -12.76 21.67
CA LEU E 119 -21.12 -12.55 20.72
C LEU E 119 -22.35 -13.36 21.16
N PHE E 120 -23.44 -12.65 21.46
CA PHE E 120 -24.63 -13.29 22.00
C PHE E 120 -25.50 -13.84 20.86
N GLY E 121 -25.89 -15.12 20.96
CA GLY E 121 -26.62 -15.78 19.89
C GLY E 121 -25.72 -16.33 18.80
N SER E 122 -26.24 -16.32 17.56
CA SER E 122 -25.56 -16.81 16.37
C SER E 122 -24.82 -15.66 15.69
N GLY E 123 -23.65 -15.97 15.16
CA GLY E 123 -22.90 -15.01 14.37
C GLY E 123 -21.47 -15.46 14.11
N TRP E 124 -20.63 -14.49 13.72
CA TRP E 124 -19.26 -14.70 13.29
C TRP E 124 -18.36 -13.64 13.92
N ALA E 125 -17.26 -14.06 14.53
CA ALA E 125 -16.19 -13.11 14.84
C ALA E 125 -15.26 -13.04 13.64
N TRP E 126 -14.93 -11.80 13.24
CA TRP E 126 -14.17 -11.56 12.03
C TRP E 126 -12.98 -10.66 12.30
N LEU E 127 -11.85 -11.09 11.72
CA LEU E 127 -10.74 -10.18 11.46
C LEU E 127 -10.80 -9.76 10.01
N SER E 128 -10.76 -8.44 9.79
CA SER E 128 -10.85 -7.85 8.48
C SER E 128 -9.80 -6.74 8.34
N VAL E 129 -9.57 -6.29 7.10
CA VAL E 129 -8.74 -5.12 6.83
C VAL E 129 -9.58 -4.09 6.09
N ASP E 130 -9.43 -2.81 6.45
CA ASP E 130 -10.12 -1.72 5.76
C ASP E 130 -9.25 -1.26 4.59
N LYS E 131 -9.76 -0.29 3.83
CA LYS E 131 -9.12 0.20 2.61
C LYS E 131 -7.79 0.91 2.90
N ASP E 132 -7.55 1.35 4.14
CA ASP E 132 -6.28 1.99 4.45
C ASP E 132 -5.28 0.98 4.99
N GLY E 133 -5.62 -0.32 5.02
CA GLY E 133 -4.69 -1.34 5.48
C GLY E 133 -4.74 -1.56 7.00
N LYS E 134 -5.73 -0.95 7.68
CA LYS E 134 -5.90 -1.15 9.10
C LYS E 134 -6.82 -2.36 9.40
N LEU E 135 -6.47 -3.11 10.45
CA LEU E 135 -7.17 -4.33 10.83
C LEU E 135 -8.29 -4.03 11.81
N HIS E 136 -9.34 -4.85 11.78
CA HIS E 136 -10.46 -4.71 12.69
C HIS E 136 -10.99 -6.07 13.08
N ILE E 137 -11.44 -6.19 14.34
CA ILE E 137 -12.20 -7.34 14.78
C ILE E 137 -13.63 -6.90 14.92
N THR E 138 -14.56 -7.58 14.23
CA THR E 138 -15.98 -7.28 14.39
C THR E 138 -16.76 -8.53 14.77
N LYS E 139 -17.92 -8.31 15.34
CA LYS E 139 -18.90 -9.33 15.63
C LYS E 139 -20.03 -9.19 14.64
N GLU E 140 -20.17 -10.16 13.73
CA GLU E 140 -21.21 -10.11 12.72
C GLU E 140 -22.36 -10.99 13.15
N PRO E 141 -23.55 -10.45 13.40
CA PRO E 141 -24.68 -11.27 13.84
C PRO E 141 -25.19 -12.14 12.70
N ASN E 142 -25.61 -13.36 13.06
CA ASN E 142 -26.35 -14.23 12.14
C ASN E 142 -25.55 -14.48 10.87
N GLY E 143 -26.03 -14.00 9.71
CA GLY E 143 -25.44 -14.31 8.41
C GLY E 143 -24.53 -13.20 7.89
N SER E 144 -24.42 -12.13 8.68
CA SER E 144 -23.68 -10.97 8.25
C SER E 144 -22.18 -11.27 8.07
N ASN E 145 -21.55 -10.41 7.24
CA ASN E 145 -20.16 -10.55 6.84
C ASN E 145 -19.57 -9.16 6.65
N PRO E 146 -18.28 -8.92 6.97
CA PRO E 146 -17.73 -7.55 6.94
C PRO E 146 -17.74 -6.85 5.57
N VAL E 147 -17.89 -7.63 4.49
CA VAL E 147 -18.03 -7.08 3.14
C VAL E 147 -19.18 -6.07 3.06
N ARG E 148 -20.26 -6.29 3.80
CA ARG E 148 -21.35 -5.33 3.79
C ARG E 148 -20.85 -3.95 4.25
N ALA E 149 -19.95 -3.90 5.21
CA ALA E 149 -19.42 -2.64 5.71
C ALA E 149 -18.22 -2.15 4.88
N GLY E 150 -17.90 -2.80 3.76
CA GLY E 150 -16.76 -2.41 2.95
C GLY E 150 -15.41 -2.86 3.52
N LEU E 151 -15.40 -3.84 4.42
CA LEU E 151 -14.13 -4.40 4.90
C LEU E 151 -13.79 -5.66 4.15
N LYS E 152 -12.51 -6.01 4.11
CA LYS E 152 -12.06 -7.22 3.41
C LYS E 152 -11.80 -8.31 4.44
N PRO E 153 -12.57 -9.40 4.40
CA PRO E 153 -12.53 -10.39 5.49
C PRO E 153 -11.33 -11.31 5.38
N LEU E 154 -10.63 -11.53 6.50
CA LEU E 154 -9.41 -12.32 6.52
C LEU E 154 -9.57 -13.65 7.27
N LEU E 155 -10.16 -13.60 8.47
CA LEU E 155 -10.21 -14.76 9.35
C LEU E 155 -11.48 -14.73 10.19
N THR E 156 -12.14 -15.89 10.35
CA THR E 156 -13.37 -15.88 11.13
C THR E 156 -13.50 -17.12 12.02
N CYS E 157 -14.30 -16.95 13.07
CA CYS E 157 -14.79 -18.04 13.89
C CYS E 157 -16.32 -18.03 13.84
N ASP E 158 -16.87 -19.18 13.44
CA ASP E 158 -18.32 -19.35 13.38
C ASP E 158 -18.78 -19.70 14.79
N VAL E 159 -19.60 -18.83 15.42
CA VAL E 159 -20.07 -19.12 16.76
C VAL E 159 -21.56 -19.47 16.78
N TRP E 160 -22.16 -19.74 15.62
CA TRP E 160 -23.38 -20.53 15.57
C TRP E 160 -23.06 -21.83 16.30
N GLU E 161 -23.99 -22.28 17.13
CA GLU E 161 -23.72 -23.46 17.94
C GLU E 161 -23.46 -24.71 17.09
N HIS E 162 -24.07 -24.80 15.87
CA HIS E 162 -23.83 -25.99 15.03
C HIS E 162 -22.34 -26.17 14.76
N ALA E 163 -21.57 -25.10 14.88
CA ALA E 163 -20.16 -25.15 14.49
C ALA E 163 -19.36 -25.93 15.53
N TYR E 164 -19.86 -26.01 16.78
CA TYR E 164 -19.08 -26.57 17.87
C TYR E 164 -19.84 -27.50 18.79
N TYR E 165 -21.17 -27.52 18.75
CA TYR E 165 -21.88 -28.18 19.82
C TYR E 165 -21.58 -29.68 19.91
N LEU E 166 -21.43 -30.35 18.77
CA LEU E 166 -21.25 -31.80 18.80
C LEU E 166 -19.91 -32.14 19.43
N ASP E 167 -18.97 -31.21 19.44
CA ASP E 167 -17.59 -31.46 19.87
C ASP E 167 -17.28 -30.82 21.20
N TYR E 168 -17.91 -29.68 21.52
CA TYR E 168 -17.57 -28.90 22.71
C TYR E 168 -18.79 -28.58 23.55
N GLN E 169 -19.97 -28.98 23.09
CA GLN E 169 -21.23 -28.59 23.70
C GLN E 169 -21.21 -27.09 23.97
N ASN E 170 -21.50 -26.68 25.21
CA ASN E 170 -21.65 -25.28 25.53
C ASN E 170 -20.31 -24.58 25.66
N ARG E 171 -19.19 -25.28 25.51
CA ARG E 171 -17.90 -24.68 25.89
C ARG E 171 -17.31 -23.96 24.68
N ARG E 172 -17.97 -22.86 24.30
CA ARG E 172 -17.54 -22.10 23.13
C ARG E 172 -16.10 -21.64 23.25
N ALA E 173 -15.71 -21.15 24.45
CA ALA E 173 -14.35 -20.63 24.66
C ALA E 173 -13.30 -21.69 24.31
N ASP E 174 -13.57 -22.92 24.72
CA ASP E 174 -12.61 -23.99 24.48
C ASP E 174 -12.46 -24.23 22.97
N HIS E 175 -13.57 -24.17 22.23
CA HIS E 175 -13.60 -24.35 20.80
C HIS E 175 -12.75 -23.31 20.13
N VAL E 176 -13.00 -22.07 20.51
CA VAL E 176 -12.28 -20.95 19.92
C VAL E 176 -10.77 -21.12 20.14
N ASN E 177 -10.38 -21.46 21.38
CA ASN E 177 -8.97 -21.66 21.69
C ASN E 177 -8.32 -22.75 20.84
N LYS E 178 -9.04 -23.83 20.54
CA LYS E 178 -8.48 -24.93 19.76
C LYS E 178 -8.29 -24.60 18.29
N LEU E 179 -9.14 -23.71 17.74
CA LEU E 179 -9.10 -23.39 16.32
C LEU E 179 -7.74 -22.86 15.89
N TRP E 180 -7.04 -22.10 16.74
CA TRP E 180 -5.75 -21.54 16.40
C TRP E 180 -4.78 -22.62 15.87
N GLU E 181 -4.93 -23.87 16.31
CA GLU E 181 -4.03 -24.94 15.88
C GLU E 181 -4.26 -25.37 14.43
N ILE E 182 -5.40 -25.01 13.82
CA ILE E 182 -5.67 -25.43 12.44
C ILE E 182 -5.82 -24.24 11.49
N ILE E 183 -5.45 -23.04 11.91
CA ILE E 183 -5.49 -21.89 11.01
C ILE E 183 -4.34 -22.01 10.03
N ASP E 184 -4.66 -21.98 8.73
CA ASP E 184 -3.67 -21.97 7.67
C ASP E 184 -3.28 -20.52 7.37
N TRP E 185 -2.26 -20.04 8.07
CA TRP E 185 -1.86 -18.66 7.94
C TRP E 185 -1.44 -18.26 6.52
N ASP E 186 -0.97 -19.23 5.71
CA ASP E 186 -0.60 -18.91 4.33
C ASP E 186 -1.84 -18.47 3.57
N VAL E 187 -3.00 -19.10 3.86
CA VAL E 187 -4.22 -18.72 3.17
C VAL E 187 -4.62 -17.34 3.66
N VAL E 188 -4.57 -17.16 4.97
CA VAL E 188 -5.10 -15.95 5.57
C VAL E 188 -4.27 -14.77 5.08
N GLU E 189 -2.94 -14.96 5.02
CA GLU E 189 -2.05 -13.86 4.62
C GLU E 189 -2.39 -13.39 3.22
N LYS E 190 -2.75 -14.34 2.33
CA LYS E 190 -2.99 -14.02 0.94
C LYS E 190 -4.31 -13.29 0.79
N ARG E 191 -5.15 -13.24 1.83
CA ARG E 191 -6.38 -12.50 1.75
C ARG E 191 -6.11 -11.02 1.97
N LEU E 192 -4.94 -10.68 2.53
CA LEU E 192 -4.68 -9.30 2.90
C LEU E 192 -4.69 -8.44 1.63
N MET F 1 -31.77 -13.33 45.19
CA MET F 1 -31.31 -14.52 44.44
C MET F 1 -32.43 -14.92 43.49
N TYR F 2 -32.16 -15.04 42.19
CA TYR F 2 -33.00 -15.84 41.31
C TYR F 2 -32.50 -17.26 41.41
N GLU F 3 -33.47 -18.19 41.46
CA GLU F 3 -33.22 -19.60 41.71
C GLU F 3 -33.52 -20.39 40.44
N MET F 4 -32.84 -21.54 40.30
CA MET F 4 -33.12 -22.45 39.23
C MET F 4 -34.53 -22.97 39.45
N PRO F 5 -35.43 -22.95 38.44
CA PRO F 5 -36.73 -23.57 38.60
C PRO F 5 -36.56 -25.07 38.63
N LYS F 6 -37.43 -25.73 39.40
CA LYS F 6 -37.36 -27.17 39.52
C LYS F 6 -38.09 -27.78 38.32
N LEU F 7 -37.51 -28.80 37.70
CA LEU F 7 -38.17 -29.53 36.63
C LEU F 7 -39.24 -30.39 37.26
N PRO F 8 -40.47 -30.42 36.71
CA PRO F 8 -41.49 -31.32 37.20
C PRO F 8 -41.40 -32.75 36.68
N TYR F 9 -40.24 -33.15 36.17
CA TYR F 9 -40.07 -34.49 35.63
C TYR F 9 -38.58 -34.78 35.74
N ALA F 10 -38.23 -36.07 35.66
CA ALA F 10 -36.84 -36.48 35.64
C ALA F 10 -36.17 -36.04 34.34
N ASN F 11 -34.83 -35.94 34.35
CA ASN F 11 -34.06 -35.46 33.22
C ASN F 11 -34.25 -36.34 31.98
N ASN F 12 -34.56 -37.64 32.19
CA ASN F 12 -34.67 -38.57 31.08
C ASN F 12 -36.12 -38.75 30.65
N ALA F 13 -37.05 -37.98 31.24
CA ALA F 13 -38.46 -38.31 31.13
C ALA F 13 -39.05 -37.91 29.78
N LEU F 14 -38.37 -37.04 29.02
CA LEU F 14 -38.90 -36.57 27.74
C LEU F 14 -38.36 -37.37 26.56
N GLU F 15 -37.54 -38.38 26.82
CA GLU F 15 -37.09 -39.29 25.78
C GLU F 15 -38.29 -39.98 25.16
N PRO F 16 -38.29 -40.25 23.85
CA PRO F 16 -37.14 -39.96 22.97
C PRO F 16 -37.17 -38.59 22.28
N VAL F 17 -38.09 -37.71 22.68
CA VAL F 17 -38.24 -36.44 22.00
C VAL F 17 -37.04 -35.54 22.28
N ILE F 18 -36.68 -35.43 23.57
CA ILE F 18 -35.47 -34.74 23.96
C ILE F 18 -34.72 -35.67 24.90
N SER F 19 -33.42 -35.85 24.60
CA SER F 19 -32.60 -36.80 25.34
C SER F 19 -32.29 -36.25 26.72
N GLN F 20 -31.94 -37.18 27.60
CA GLN F 20 -31.42 -36.84 28.92
C GLN F 20 -30.20 -35.96 28.80
N GLN F 21 -29.30 -36.30 27.86
CA GLN F 21 -28.10 -35.50 27.66
C GLN F 21 -28.50 -34.04 27.36
N THR F 22 -29.47 -33.83 26.47
CA THR F 22 -29.85 -32.48 26.12
C THR F 22 -30.39 -31.78 27.37
N ILE F 23 -31.21 -32.46 28.17
CA ILE F 23 -31.72 -31.82 29.37
C ILE F 23 -30.59 -31.48 30.32
N ASP F 24 -29.67 -32.45 30.55
CA ASP F 24 -28.52 -32.22 31.40
C ASP F 24 -27.79 -30.93 31.00
N TYR F 25 -27.53 -30.73 29.70
CA TYR F 25 -26.80 -29.55 29.24
C TYR F 25 -27.71 -28.33 29.16
N HIS F 26 -28.89 -28.49 28.56
CA HIS F 26 -29.73 -27.34 28.28
C HIS F 26 -30.19 -26.71 29.60
N TYR F 27 -30.71 -27.54 30.52
CA TYR F 27 -31.15 -27.08 31.82
C TYR F 27 -29.94 -26.92 32.75
N GLY F 28 -29.16 -27.99 32.86
CA GLY F 28 -28.14 -28.04 33.90
C GLY F 28 -26.94 -27.12 33.64
N LYS F 29 -26.69 -26.71 32.39
CA LYS F 29 -25.55 -25.83 32.10
C LYS F 29 -26.02 -24.48 31.54
N HIS F 30 -26.73 -24.50 30.40
CA HIS F 30 -27.15 -23.24 29.77
C HIS F 30 -28.03 -22.41 30.71
N LEU F 31 -29.09 -23.02 31.28
CA LEU F 31 -29.99 -22.24 32.12
C LEU F 31 -29.26 -21.81 33.39
N GLN F 32 -28.44 -22.71 33.94
CA GLN F 32 -27.64 -22.40 35.13
C GLN F 32 -26.79 -21.15 34.87
N THR F 33 -26.16 -21.06 33.68
CA THR F 33 -25.33 -19.92 33.35
C THR F 33 -26.18 -18.66 33.32
N TYR F 34 -27.35 -18.75 32.69
CA TYR F 34 -28.15 -17.55 32.57
C TYR F 34 -28.58 -17.06 33.95
N VAL F 35 -28.94 -17.99 34.84
CA VAL F 35 -29.34 -17.63 36.20
C VAL F 35 -28.15 -17.01 36.94
N ASN F 36 -26.99 -17.68 36.93
CA ASN F 36 -25.78 -17.13 37.51
C ASN F 36 -25.52 -15.72 36.99
N ASN F 37 -25.63 -15.54 35.67
CA ASN F 37 -25.35 -14.22 35.09
C ASN F 37 -26.32 -13.17 35.63
N LEU F 38 -27.60 -13.54 35.76
CA LEU F 38 -28.58 -12.59 36.25
C LEU F 38 -28.26 -12.21 37.70
N ASN F 39 -27.87 -13.21 38.51
CA ASN F 39 -27.53 -12.95 39.90
C ASN F 39 -26.29 -12.09 40.01
N SER F 40 -25.39 -12.15 39.01
CA SER F 40 -24.19 -11.31 39.01
C SER F 40 -24.50 -9.90 38.54
N LEU F 41 -25.39 -9.73 37.57
CA LEU F 41 -25.54 -8.46 36.89
C LEU F 41 -26.56 -7.53 37.57
N VAL F 42 -27.55 -8.09 38.28
CA VAL F 42 -28.72 -7.31 38.67
C VAL F 42 -28.46 -6.55 39.98
N PRO F 43 -27.85 -7.16 41.02
CA PRO F 43 -27.68 -6.44 42.30
C PRO F 43 -26.97 -5.10 42.07
N GLY F 44 -27.48 -4.03 42.68
CA GLY F 44 -26.88 -2.72 42.54
C GLY F 44 -27.40 -1.94 41.34
N THR F 45 -28.36 -2.49 40.59
CA THR F 45 -28.99 -1.77 39.49
C THR F 45 -30.42 -1.42 39.89
N GLU F 46 -31.07 -0.64 39.01
CA GLU F 46 -32.47 -0.30 39.24
C GLU F 46 -33.37 -1.54 39.20
N TYR F 47 -32.84 -2.67 38.69
CA TYR F 47 -33.65 -3.87 38.51
C TYR F 47 -33.62 -4.75 39.75
N GLU F 48 -32.81 -4.36 40.74
CA GLU F 48 -32.58 -5.20 41.90
C GLU F 48 -33.91 -5.45 42.60
N GLY F 49 -34.14 -6.71 43.00
CA GLY F 49 -35.34 -7.09 43.71
C GLY F 49 -36.57 -7.24 42.81
N LYS F 50 -36.47 -6.96 41.51
CA LYS F 50 -37.59 -7.17 40.60
C LYS F 50 -37.63 -8.63 40.15
N THR F 51 -38.82 -9.08 39.73
CA THR F 51 -38.99 -10.40 39.15
C THR F 51 -38.35 -10.43 37.76
N VAL F 52 -38.10 -11.67 37.31
CA VAL F 52 -37.58 -11.88 35.97
C VAL F 52 -38.50 -11.22 34.95
N GLU F 53 -39.80 -11.45 35.11
CA GLU F 53 -40.80 -10.92 34.18
C GLU F 53 -40.67 -9.40 34.11
N ALA F 54 -40.52 -8.74 35.27
CA ALA F 54 -40.50 -7.28 35.31
C ALA F 54 -39.23 -6.76 34.62
N ILE F 55 -38.12 -7.52 34.76
CA ILE F 55 -36.90 -7.11 34.08
C ILE F 55 -37.09 -7.21 32.58
N VAL F 56 -37.66 -8.33 32.13
CA VAL F 56 -37.88 -8.49 30.70
C VAL F 56 -38.77 -7.38 30.16
N ALA F 57 -39.78 -6.98 30.97
CA ALA F 57 -40.72 -5.95 30.56
C ALA F 57 -40.07 -4.56 30.52
N SER F 58 -39.00 -4.33 31.30
CA SER F 58 -38.43 -2.99 31.43
C SER F 58 -37.09 -2.80 30.71
N ALA F 59 -36.22 -3.81 30.69
CA ALA F 59 -34.82 -3.52 30.41
C ALA F 59 -34.62 -3.29 28.94
N PRO F 60 -33.72 -2.36 28.57
CA PRO F 60 -33.35 -2.20 27.16
C PRO F 60 -32.41 -3.33 26.75
N ASP F 61 -32.11 -3.37 25.44
CA ASP F 61 -31.21 -4.37 24.88
C ASP F 61 -29.90 -4.29 25.63
N GLY F 62 -29.32 -5.45 25.93
CA GLY F 62 -28.15 -5.49 26.79
C GLY F 62 -28.14 -6.80 27.55
N ALA F 63 -27.14 -6.94 28.41
CA ALA F 63 -26.77 -8.21 29.00
C ALA F 63 -27.82 -8.59 30.04
N ILE F 64 -28.34 -7.60 30.77
CA ILE F 64 -29.35 -7.90 31.76
C ILE F 64 -30.60 -8.44 31.06
N PHE F 65 -31.03 -7.74 30.00
CA PHE F 65 -32.18 -8.19 29.24
C PHE F 65 -31.94 -9.58 28.67
N ASN F 66 -30.75 -9.79 28.08
CA ASN F 66 -30.41 -11.05 27.45
C ASN F 66 -30.59 -12.18 28.45
N ASN F 67 -30.07 -11.99 29.66
CA ASN F 67 -30.03 -13.07 30.62
C ASN F 67 -31.42 -13.25 31.23
N ALA F 68 -32.12 -12.15 31.54
CA ALA F 68 -33.47 -12.27 32.09
C ALA F 68 -34.38 -12.94 31.08
N GLY F 69 -34.32 -12.48 29.84
CA GLY F 69 -35.13 -13.06 28.79
C GLY F 69 -34.89 -14.58 28.67
N GLN F 70 -33.63 -14.99 28.77
CA GLN F 70 -33.30 -16.39 28.62
C GLN F 70 -33.78 -17.17 29.84
N VAL F 71 -33.72 -16.54 31.01
CA VAL F 71 -34.20 -17.23 32.21
C VAL F 71 -35.70 -17.45 32.09
N LEU F 72 -36.41 -16.40 31.68
CA LEU F 72 -37.85 -16.52 31.53
C LEU F 72 -38.21 -17.56 30.46
N ASN F 73 -37.60 -17.41 29.27
CA ASN F 73 -37.85 -18.32 28.17
C ASN F 73 -37.65 -19.77 28.62
N HIS F 74 -36.53 -20.09 29.27
CA HIS F 74 -36.22 -21.47 29.57
C HIS F 74 -37.11 -21.97 30.69
N THR F 75 -37.47 -21.08 31.60
CA THR F 75 -38.34 -21.48 32.71
C THR F 75 -39.67 -21.99 32.14
N LEU F 76 -40.31 -21.17 31.29
CA LEU F 76 -41.60 -21.50 30.71
C LEU F 76 -41.47 -22.72 29.79
N TYR F 77 -40.37 -22.77 29.02
CA TYR F 77 -40.08 -23.88 28.15
C TYR F 77 -40.06 -25.20 28.91
N PHE F 78 -39.18 -25.32 29.91
CA PHE F 78 -39.04 -26.62 30.54
C PHE F 78 -40.32 -26.99 31.28
N LEU F 79 -41.01 -25.99 31.85
CA LEU F 79 -42.18 -26.29 32.68
C LEU F 79 -43.41 -26.54 31.83
N GLN F 80 -43.35 -26.36 30.49
CA GLN F 80 -44.53 -26.60 29.67
C GLN F 80 -44.60 -28.05 29.21
N PHE F 81 -43.57 -28.86 29.54
CA PHE F 81 -43.52 -30.22 29.04
C PHE F 81 -43.97 -31.20 30.11
N ALA F 82 -44.45 -32.36 29.69
CA ALA F 82 -44.67 -33.50 30.59
C ALA F 82 -44.35 -34.77 29.83
N PRO F 83 -43.89 -35.83 30.53
CA PRO F 83 -43.55 -37.08 29.88
C PRO F 83 -44.67 -37.68 29.04
N LYS F 84 -45.89 -37.65 29.57
CA LYS F 84 -47.01 -38.39 28.97
C LYS F 84 -48.26 -37.56 29.07
N PRO F 85 -48.41 -36.49 28.27
CA PRO F 85 -49.52 -35.56 28.50
C PRO F 85 -50.82 -36.35 28.36
N ALA F 86 -51.79 -35.98 29.21
CA ALA F 86 -53.13 -36.54 29.21
C ALA F 86 -53.84 -36.22 27.89
N LYS F 87 -53.69 -34.99 27.42
CA LYS F 87 -54.25 -34.55 26.15
C LYS F 87 -53.08 -34.13 25.24
N ASN F 88 -53.22 -34.38 23.94
CA ASN F 88 -52.29 -33.85 22.96
C ASN F 88 -52.88 -32.63 22.25
N GLU F 89 -53.97 -32.07 22.78
CA GLU F 89 -54.38 -30.75 22.31
C GLU F 89 -55.12 -29.99 23.39
N PRO F 90 -55.21 -28.66 23.28
CA PRO F 90 -55.83 -27.84 24.30
C PRO F 90 -57.35 -27.90 24.25
N ALA F 91 -57.98 -27.68 25.39
CA ALA F 91 -59.42 -27.60 25.50
C ALA F 91 -59.82 -26.25 26.09
N GLY F 92 -61.10 -26.12 26.42
CA GLY F 92 -61.57 -24.96 27.14
C GLY F 92 -61.33 -23.70 26.32
N LYS F 93 -61.08 -22.58 27.02
CA LYS F 93 -60.94 -21.29 26.38
C LYS F 93 -59.79 -21.30 25.37
N LEU F 94 -58.68 -21.96 25.72
CA LEU F 94 -57.53 -21.94 24.83
C LEU F 94 -57.87 -22.69 23.55
N GLY F 95 -58.50 -23.87 23.68
CA GLY F 95 -59.01 -24.62 22.55
C GLY F 95 -59.85 -23.76 21.61
N GLU F 96 -60.79 -22.96 22.20
CA GLU F 96 -61.68 -22.16 21.37
C GLU F 96 -60.89 -21.03 20.71
N ALA F 97 -59.98 -20.38 21.48
CA ALA F 97 -59.23 -19.28 20.94
C ALA F 97 -58.38 -19.74 19.75
N ILE F 98 -57.84 -20.95 19.84
CA ILE F 98 -57.01 -21.47 18.75
C ILE F 98 -57.84 -21.70 17.48
N LYS F 99 -59.06 -22.23 17.67
CA LYS F 99 -59.95 -22.42 16.53
C LYS F 99 -60.29 -21.06 15.94
N ARG F 100 -60.59 -20.08 16.79
CA ARG F 100 -60.99 -18.76 16.36
C ARG F 100 -59.85 -18.10 15.59
N ASP F 101 -58.61 -18.18 16.10
CA ASP F 101 -57.54 -17.33 15.58
C ASP F 101 -56.77 -18.03 14.45
N PHE F 102 -56.83 -19.36 14.38
CA PHE F 102 -56.04 -20.11 13.42
C PHE F 102 -56.88 -21.04 12.56
N GLY F 103 -58.20 -20.99 12.72
CA GLY F 103 -59.08 -21.88 11.98
C GLY F 103 -59.20 -23.24 12.65
N SER F 104 -58.08 -23.87 12.99
CA SER F 104 -58.10 -25.13 13.71
C SER F 104 -56.78 -25.33 14.46
N PHE F 105 -56.80 -26.31 15.36
CA PHE F 105 -55.60 -26.72 16.06
C PHE F 105 -54.52 -27.15 15.06
N GLU F 106 -54.94 -27.92 14.04
CA GLU F 106 -53.99 -28.51 13.09
C GLU F 106 -53.32 -27.39 12.29
N ASN F 107 -54.09 -26.37 11.94
CA ASN F 107 -53.52 -25.26 11.20
C ASN F 107 -52.62 -24.44 12.13
N PHE F 108 -53.03 -24.27 13.38
CA PHE F 108 -52.15 -23.61 14.35
C PHE F 108 -50.81 -24.33 14.40
N LYS F 109 -50.81 -25.66 14.50
CA LYS F 109 -49.56 -26.39 14.55
C LYS F 109 -48.67 -26.10 13.34
N LYS F 110 -49.28 -26.02 12.18
CA LYS F 110 -48.56 -25.80 10.94
C LYS F 110 -47.90 -24.41 10.98
N GLU F 111 -48.62 -23.40 11.46
CA GLU F 111 -48.11 -22.04 11.52
C GLU F 111 -47.01 -21.91 12.58
N PHE F 112 -47.18 -22.64 13.68
CA PHE F 112 -46.20 -22.65 14.77
C PHE F 112 -44.91 -23.31 14.33
N ASN F 113 -45.05 -24.46 13.64
CA ASN F 113 -43.92 -25.15 13.05
C ASN F 113 -43.18 -24.22 12.09
N ALA F 114 -43.92 -23.51 11.23
CA ALA F 114 -43.29 -22.66 10.22
C ALA F 114 -42.55 -21.51 10.89
N ALA F 115 -43.13 -20.93 11.94
CA ALA F 115 -42.41 -19.88 12.65
C ALA F 115 -41.13 -20.42 13.28
N SER F 116 -41.22 -21.63 13.82
CA SER F 116 -40.08 -22.26 14.48
C SER F 116 -38.99 -22.54 13.45
N VAL F 117 -39.36 -23.14 12.32
CA VAL F 117 -38.39 -23.56 11.33
C VAL F 117 -37.84 -22.35 10.61
N GLY F 118 -38.66 -21.30 10.44
CA GLY F 118 -38.28 -20.17 9.61
C GLY F 118 -37.49 -19.10 10.36
N LEU F 119 -37.32 -19.23 11.68
CA LEU F 119 -36.56 -18.23 12.41
C LEU F 119 -35.06 -18.42 12.13
N PHE F 120 -34.46 -17.39 11.53
CA PHE F 120 -33.07 -17.42 11.14
C PHE F 120 -32.16 -17.12 12.32
N GLY F 121 -31.17 -17.99 12.62
CA GLY F 121 -30.32 -17.80 13.79
C GLY F 121 -30.95 -18.36 15.08
N SER F 122 -30.62 -17.69 16.20
CA SER F 122 -31.04 -18.12 17.52
C SER F 122 -32.33 -17.39 17.90
N GLY F 123 -33.24 -18.08 18.57
CA GLY F 123 -34.42 -17.42 19.09
C GLY F 123 -35.48 -18.43 19.55
N TRP F 124 -36.70 -17.92 19.68
CA TRP F 124 -37.85 -18.62 20.23
C TRP F 124 -39.07 -18.35 19.34
N ALA F 125 -39.78 -19.40 18.96
CA ALA F 125 -41.12 -19.25 18.48
C ALA F 125 -42.08 -19.26 19.68
N TRP F 126 -43.00 -18.28 19.69
CA TRP F 126 -43.90 -18.06 20.80
C TRP F 126 -45.36 -17.98 20.32
N LEU F 127 -46.20 -18.71 21.06
CA LEU F 127 -47.62 -18.41 21.12
C LEU F 127 -47.89 -17.59 22.37
N SER F 128 -48.57 -16.45 22.18
CA SER F 128 -48.90 -15.53 23.25
C SER F 128 -50.36 -15.09 23.13
N VAL F 129 -50.87 -14.49 24.20
CA VAL F 129 -52.18 -13.86 24.16
C VAL F 129 -52.03 -12.38 24.51
N ASP F 130 -52.74 -11.52 23.78
CA ASP F 130 -52.75 -10.09 24.07
C ASP F 130 -53.87 -9.81 25.08
N LYS F 131 -53.99 -8.55 25.53
CA LYS F 131 -54.95 -8.20 26.57
C LYS F 131 -56.40 -8.24 26.08
N ASP F 132 -56.65 -8.36 24.79
CA ASP F 132 -58.02 -8.51 24.30
C ASP F 132 -58.37 -10.01 24.15
N GLY F 133 -57.45 -10.91 24.53
CA GLY F 133 -57.72 -12.34 24.46
C GLY F 133 -57.36 -12.93 23.10
N LYS F 134 -56.72 -12.15 22.21
CA LYS F 134 -56.32 -12.63 20.91
C LYS F 134 -54.92 -13.27 20.95
N LEU F 135 -54.77 -14.34 20.17
CA LEU F 135 -53.52 -15.11 20.12
C LEU F 135 -52.61 -14.59 19.03
N HIS F 136 -51.31 -14.72 19.27
CA HIS F 136 -50.31 -14.32 18.28
C HIS F 136 -49.14 -15.30 18.32
N ILE F 137 -48.58 -15.58 17.16
CA ILE F 137 -47.34 -16.30 17.03
C ILE F 137 -46.25 -15.28 16.68
N THR F 138 -45.20 -15.22 17.52
CA THR F 138 -44.09 -14.35 17.21
C THR F 138 -42.79 -15.16 17.13
N LYS F 139 -41.84 -14.58 16.39
CA LYS F 139 -40.45 -15.01 16.39
C LYS F 139 -39.66 -14.05 17.25
N GLU F 140 -39.15 -14.53 18.38
CA GLU F 140 -38.39 -13.67 19.28
C GLU F 140 -36.91 -13.99 19.06
N PRO F 141 -36.10 -13.03 18.57
CA PRO F 141 -34.68 -13.31 18.34
C PRO F 141 -33.92 -13.43 19.67
N ASN F 142 -32.96 -14.34 19.68
CA ASN F 142 -31.97 -14.43 20.75
C ASN F 142 -32.68 -14.64 22.08
N GLY F 143 -32.56 -13.69 23.02
CA GLY F 143 -33.09 -13.87 24.37
C GLY F 143 -34.44 -13.18 24.59
N SER F 144 -34.98 -12.60 23.53
CA SER F 144 -36.25 -11.89 23.59
C SER F 144 -37.42 -12.81 23.98
N ASN F 145 -38.47 -12.19 24.55
CA ASN F 145 -39.65 -12.85 25.06
C ASN F 145 -40.85 -11.91 24.89
N PRO F 146 -42.07 -12.43 24.60
CA PRO F 146 -43.21 -11.57 24.26
C PRO F 146 -43.67 -10.59 25.34
N VAL F 147 -43.25 -10.84 26.59
CA VAL F 147 -43.51 -9.93 27.70
C VAL F 147 -43.03 -8.52 27.39
N ARG F 148 -41.90 -8.37 26.69
CA ARG F 148 -41.42 -7.05 26.35
C ARG F 148 -42.49 -6.28 25.58
N ALA F 149 -43.22 -6.95 24.68
CA ALA F 149 -44.21 -6.31 23.85
C ALA F 149 -45.59 -6.27 24.56
N GLY F 150 -45.65 -6.61 25.85
CA GLY F 150 -46.90 -6.57 26.58
C GLY F 150 -47.79 -7.79 26.33
N LEU F 151 -47.26 -8.87 25.76
CA LEU F 151 -48.06 -10.08 25.54
C LEU F 151 -47.80 -11.07 26.66
N LYS F 152 -48.77 -11.97 26.87
CA LYS F 152 -48.62 -13.01 27.87
C LYS F 152 -48.21 -14.31 27.18
N PRO F 153 -47.01 -14.84 27.48
CA PRO F 153 -46.48 -16.00 26.77
C PRO F 153 -47.13 -17.31 27.22
N LEU F 154 -47.53 -18.15 26.25
CA LEU F 154 -48.22 -19.39 26.53
C LEU F 154 -47.38 -20.63 26.18
N LEU F 155 -46.79 -20.66 24.97
CA LEU F 155 -46.11 -21.85 24.49
C LEU F 155 -44.91 -21.46 23.63
N THR F 156 -43.78 -22.16 23.80
CA THR F 156 -42.60 -21.78 23.03
C THR F 156 -41.83 -23.00 22.54
N CYS F 157 -41.13 -22.79 21.41
CA CYS F 157 -40.10 -23.68 20.94
C CYS F 157 -38.77 -22.95 20.88
N ASP F 158 -37.77 -23.51 21.59
CA ASP F 158 -36.44 -22.92 21.63
C ASP F 158 -35.72 -23.39 20.38
N VAL F 159 -35.35 -22.47 19.48
CA VAL F 159 -34.68 -22.89 18.26
C VAL F 159 -33.21 -22.46 18.23
N TRP F 160 -32.66 -22.03 19.36
CA TRP F 160 -31.23 -22.10 19.56
C TRP F 160 -30.81 -23.52 19.28
N GLU F 161 -29.71 -23.68 18.56
CA GLU F 161 -29.32 -25.04 18.15
C GLU F 161 -29.02 -25.93 19.35
N HIS F 162 -28.51 -25.38 20.47
CA HIS F 162 -28.25 -26.20 21.65
C HIS F 162 -29.50 -26.96 22.09
N ALA F 163 -30.68 -26.49 21.71
CA ALA F 163 -31.91 -27.12 22.18
C ALA F 163 -32.13 -28.48 21.50
N TYR F 164 -31.54 -28.66 20.32
CA TYR F 164 -31.87 -29.83 19.49
C TYR F 164 -30.66 -30.46 18.79
N TYR F 165 -29.50 -29.81 18.78
CA TYR F 165 -28.47 -30.27 17.86
C TYR F 165 -27.94 -31.65 18.26
N LEU F 166 -27.85 -31.95 19.58
CA LEU F 166 -27.31 -33.24 20.01
C LEU F 166 -28.24 -34.37 19.54
N ASP F 167 -29.54 -34.06 19.41
CA ASP F 167 -30.53 -35.09 19.14
C ASP F 167 -30.95 -35.12 17.67
N TYR F 168 -30.93 -33.98 16.96
CA TYR F 168 -31.50 -33.87 15.62
C TYR F 168 -30.51 -33.27 14.62
N GLN F 169 -29.35 -32.82 15.11
CA GLN F 169 -28.45 -32.01 14.32
C GLN F 169 -29.23 -30.91 13.59
N ASN F 170 -29.06 -30.79 12.27
CA ASN F 170 -29.65 -29.69 11.52
C ASN F 170 -31.16 -29.89 11.29
N ARG F 171 -31.75 -30.98 11.77
CA ARG F 171 -33.12 -31.29 11.40
C ARG F 171 -34.09 -30.60 12.37
N ARG F 172 -34.12 -29.28 12.30
CA ARG F 172 -34.94 -28.51 13.21
C ARG F 172 -36.42 -28.87 13.07
N ALA F 173 -36.88 -29.02 11.83
CA ALA F 173 -38.28 -29.33 11.56
C ALA F 173 -38.71 -30.61 12.29
N ASP F 174 -37.84 -31.60 12.27
CA ASP F 174 -38.16 -32.89 12.86
C ASP F 174 -38.30 -32.72 14.37
N HIS F 175 -37.42 -31.91 14.98
CA HIS F 175 -37.44 -31.65 16.40
C HIS F 175 -38.77 -30.98 16.77
N VAL F 176 -39.11 -29.94 16.02
CA VAL F 176 -40.32 -29.19 16.30
C VAL F 176 -41.55 -30.10 16.23
N ASN F 177 -41.63 -30.94 15.19
CA ASN F 177 -42.75 -31.86 15.04
C ASN F 177 -42.87 -32.81 16.24
N LYS F 178 -41.77 -33.27 16.82
CA LYS F 178 -41.80 -34.20 17.94
C LYS F 178 -42.23 -33.52 19.25
N LEU F 179 -42.00 -32.21 19.39
CA LEU F 179 -42.31 -31.50 20.63
C LEU F 179 -43.79 -31.59 20.97
N TRP F 180 -44.67 -31.60 19.96
CA TRP F 180 -46.10 -31.66 20.18
C TRP F 180 -46.49 -32.80 21.11
N GLU F 181 -45.70 -33.89 21.10
CA GLU F 181 -46.07 -35.08 21.85
C GLU F 181 -45.79 -34.90 23.33
N ILE F 182 -45.04 -33.86 23.75
CA ILE F 182 -44.70 -33.70 25.16
C ILE F 182 -45.20 -32.37 25.72
N ILE F 183 -46.06 -31.68 24.98
CA ILE F 183 -46.64 -30.44 25.49
C ILE F 183 -47.68 -30.81 26.54
N ASP F 184 -47.53 -30.20 27.74
CA ASP F 184 -48.51 -30.35 28.81
C ASP F 184 -49.56 -29.27 28.67
N TRP F 185 -50.62 -29.58 27.91
CA TRP F 185 -51.63 -28.55 27.62
C TRP F 185 -52.32 -28.03 28.88
N ASP F 186 -52.35 -28.81 29.96
CA ASP F 186 -52.97 -28.33 31.20
C ASP F 186 -52.15 -27.17 31.74
N VAL F 187 -50.81 -27.20 31.59
CA VAL F 187 -49.98 -26.11 32.02
C VAL F 187 -50.23 -24.92 31.10
N VAL F 188 -50.24 -25.19 29.81
CA VAL F 188 -50.32 -24.11 28.84
C VAL F 188 -51.65 -23.39 29.02
N GLU F 189 -52.74 -24.16 29.22
CA GLU F 189 -54.06 -23.57 29.39
C GLU F 189 -54.08 -22.60 30.57
N LYS F 190 -53.38 -22.96 31.64
CA LYS F 190 -53.38 -22.17 32.86
C LYS F 190 -52.60 -20.88 32.69
N ARG F 191 -51.84 -20.75 31.61
CA ARG F 191 -51.12 -19.51 31.38
C ARG F 191 -52.04 -18.47 30.75
N LEU F 192 -53.18 -18.91 30.22
CA LEU F 192 -54.05 -18.00 29.48
C LEU F 192 -54.56 -16.94 30.46
#